data_7C3B
#
_entry.id   7C3B
#
_cell.length_a   161.924
_cell.length_b   161.924
_cell.length_c   79.606
_cell.angle_alpha   90.000
_cell.angle_beta   90.000
_cell.angle_gamma   90.000
#
_symmetry.space_group_name_H-M   'P 42 21 2'
#
loop_
_entity.id
_entity.type
_entity.pdbx_description
1 polymer 'Ferredoxin reductase component of carbazole'
2 non-polymer 'FE2/S2 (INORGANIC) CLUSTER'
3 non-polymer 'IODIDE ION'
4 non-polymer 'CHLORIDE ION'
5 non-polymer 'NICKEL (II) ION'
6 non-polymer 'ACETATE ION'
7 water water
#
_entity_poly.entity_id   1
_entity_poly.type   'polypeptide(L)'
_entity_poly.pdbx_seq_one_letter_code
;MHHHHHHYQLKIEGQAPGTCGSDKSLLVSALANGIGLPYECASGGCGVCKFELLEGTVQSMWPDAPGLSSRDREKGNRHL
ACQCIALSDLRIKVAVQDKYIPAIPISKMEAEVVAVRALTHDLLSVKLRTDVPANFLPGQFCLIEAEQLPGVVRAYSMAN
SMNPDGFWEFYIKRVPTGRFSPWLFENRKVGARLFLTGPMGTSFFRPGTGRKSLCIGGGAGLSYAAAIARASIRETDKPV
KLFYGSRTPRDAVRWIDIDIDEDKLEVVQAVTEDTDSLWQGPIGFIHQVVDAALLETLPEYEIYLAGPPPMVDATVRMLL
GKGVPRDQIHFDAFF
;
_entity_poly.pdbx_strand_id   A,B,C
#
loop_
_chem_comp.id
_chem_comp.type
_chem_comp.name
_chem_comp.formula
ACT non-polymer 'ACETATE ION' 'C2 H3 O2 -1'
CL non-polymer 'CHLORIDE ION' 'Cl -1'
FES non-polymer 'FE2/S2 (INORGANIC) CLUSTER' 'Fe2 S2'
IOD non-polymer 'IODIDE ION' 'I -1'
NI non-polymer 'NICKEL (II) ION' 'Ni 2'
#
# COMPACT_ATOMS: atom_id res chain seq x y z
N HIS A 2 -2.32 5.34 -1.51
CA HIS A 2 -2.62 5.05 -0.07
C HIS A 2 -2.18 6.22 0.81
N HIS A 3 -2.64 7.44 0.47
CA HIS A 3 -2.10 8.64 1.12
C HIS A 3 -3.07 9.74 1.57
N HIS A 4 -4.20 9.96 0.89
CA HIS A 4 -5.11 11.01 1.37
C HIS A 4 -5.94 10.55 2.57
N HIS A 5 -6.27 11.50 3.44
CA HIS A 5 -7.09 11.25 4.62
C HIS A 5 -8.19 12.31 4.73
N HIS A 6 -9.29 11.96 5.39
CA HIS A 6 -10.40 12.89 5.62
C HIS A 6 -10.45 13.27 7.09
N HIS A 7 -10.96 14.47 7.37
CA HIS A 7 -11.19 14.90 8.75
C HIS A 7 -12.68 15.10 8.98
N TYR A 8 -13.12 14.73 10.18
CA TYR A 8 -14.54 14.78 10.56
C TYR A 8 -14.67 15.32 11.98
N GLN A 9 -15.88 15.70 12.36
CA GLN A 9 -16.15 16.16 13.72
C GLN A 9 -16.33 14.98 14.67
N LEU A 10 -15.73 15.09 15.86
CA LEU A 10 -15.88 14.10 16.91
C LEU A 10 -16.59 14.76 18.07
N LYS A 11 -17.85 14.39 18.28
CA LYS A 11 -18.59 14.84 19.44
C LYS A 11 -18.53 13.72 20.49
N ILE A 12 -17.98 14.04 21.65
CA ILE A 12 -18.01 13.11 22.78
C ILE A 12 -19.01 13.69 23.76
N GLU A 13 -20.08 12.93 24.04
CA GLU A 13 -21.14 13.42 24.90
C GLU A 13 -20.54 13.96 26.20
N GLY A 14 -20.86 15.22 26.50
CA GLY A 14 -20.41 15.88 27.72
C GLY A 14 -19.11 16.65 27.57
N GLN A 15 -18.48 16.56 26.40
CA GLN A 15 -17.20 17.23 26.13
C GLN A 15 -17.32 18.15 24.92
N ALA A 16 -16.26 18.93 24.69
CA ALA A 16 -16.24 19.88 23.57
C ALA A 16 -16.05 19.15 22.23
N PRO A 17 -16.79 19.56 21.19
CA PRO A 17 -16.61 18.98 19.87
C PRO A 17 -15.18 19.12 19.38
N GLY A 18 -14.53 17.97 19.15
CA GLY A 18 -13.18 17.94 18.61
C GLY A 18 -13.21 17.46 17.18
N THR A 19 -12.08 16.93 16.73
CA THR A 19 -11.91 16.46 15.37
C THR A 19 -11.38 15.02 15.38
N CYS A 20 -11.73 14.27 14.33
CA CYS A 20 -11.27 12.89 14.14
C CYS A 20 -11.03 12.67 12.65
N GLY A 21 -10.44 11.55 12.29
CA GLY A 21 -10.08 11.34 10.90
C GLY A 21 -9.94 9.89 10.47
N SER A 22 -9.66 9.72 9.19
CA SER A 22 -9.42 8.40 8.62
C SER A 22 -7.95 7.97 8.76
N ASP A 23 -7.14 8.81 9.42
CA ASP A 23 -5.69 8.62 9.46
C ASP A 23 -5.14 8.26 10.84
N LYS A 24 -6.01 8.24 11.86
CA LYS A 24 -5.60 7.88 13.21
C LYS A 24 -6.82 7.34 13.95
N SER A 25 -6.57 6.59 15.02
CA SER A 25 -7.65 6.00 15.81
C SER A 25 -8.41 7.09 16.56
N LEU A 26 -9.65 6.79 16.94
CA LEU A 26 -10.43 7.69 17.79
C LEU A 26 -9.73 7.99 19.13
N LEU A 27 -8.98 7.03 19.64
CA LEU A 27 -8.20 7.23 20.86
C LEU A 27 -7.26 8.42 20.69
N VAL A 28 -6.36 8.36 19.71
CA VAL A 28 -5.33 9.38 19.59
C VAL A 28 -5.91 10.75 19.23
N SER A 29 -6.94 10.78 18.38
CA SER A 29 -7.64 12.03 18.07
C SER A 29 -8.17 12.71 19.34
N ALA A 30 -8.84 11.90 20.17
CA ALA A 30 -9.34 12.35 21.47
C ALA A 30 -8.20 12.85 22.37
N LEU A 31 -7.23 11.98 22.66
CA LEU A 31 -6.06 12.35 23.47
C LEU A 31 -5.33 13.56 22.90
N ALA A 32 -5.18 13.61 21.58
CA ALA A 32 -4.55 14.75 20.91
C ALA A 32 -5.34 16.03 21.17
N ASN A 33 -6.64 15.89 21.39
CA ASN A 33 -7.52 17.02 21.68
C ASN A 33 -7.59 17.33 23.18
N GLY A 34 -6.80 16.62 23.99
CA GLY A 34 -6.75 16.83 25.44
C GLY A 34 -7.79 16.07 26.26
N ILE A 35 -8.53 15.17 25.62
CA ILE A 35 -9.62 14.44 26.28
C ILE A 35 -9.10 13.15 26.93
N GLY A 36 -9.51 12.90 28.17
CA GLY A 36 -9.08 11.71 28.91
C GLY A 36 -9.94 10.49 28.60
N LEU A 37 -9.94 10.07 27.34
CA LEU A 37 -10.58 8.83 26.89
C LEU A 37 -9.77 7.68 27.52
N PRO A 38 -10.44 6.78 28.27
CA PRO A 38 -9.69 5.70 28.91
C PRO A 38 -9.04 4.74 27.94
N TYR A 39 -7.87 4.24 28.30
CA TYR A 39 -7.12 3.28 27.51
C TYR A 39 -5.98 2.74 28.36
N GLU A 40 -5.46 1.58 27.98
CA GLU A 40 -4.23 1.04 28.57
C GLU A 40 -3.30 0.59 27.46
N CYS A 41 -3.71 -0.45 26.72
CA CYS A 41 -2.85 -1.14 25.76
C CYS A 41 -2.70 -0.40 24.44
N ALA A 42 -3.68 0.42 24.11
CA ALA A 42 -3.74 1.13 22.82
C ALA A 42 -3.58 0.22 21.59
N SER A 43 -3.90 -1.06 21.73
CA SER A 43 -3.64 -2.03 20.67
C SER A 43 -4.68 -3.17 20.59
N GLY A 44 -5.90 -2.90 21.06
CA GLY A 44 -7.06 -3.78 20.82
C GLY A 44 -7.30 -4.96 21.76
N GLY A 45 -6.56 -5.03 22.86
CA GLY A 45 -6.60 -6.21 23.73
C GLY A 45 -7.26 -6.09 25.08
N CYS A 46 -7.08 -4.96 25.76
CA CYS A 46 -7.50 -4.81 27.15
C CYS A 46 -8.98 -4.44 27.32
N GLY A 47 -9.58 -3.89 26.27
CA GLY A 47 -10.99 -3.51 26.30
C GLY A 47 -11.29 -2.17 26.95
N VAL A 48 -10.29 -1.53 27.54
CA VAL A 48 -10.50 -0.36 28.38
C VAL A 48 -11.07 0.86 27.65
N CYS A 49 -10.71 1.02 26.37
CA CYS A 49 -11.13 2.17 25.57
C CYS A 49 -12.48 1.99 24.89
N LYS A 50 -13.31 1.11 25.43
CA LYS A 50 -14.62 0.85 24.83
C LYS A 50 -15.50 2.09 24.86
N PHE A 51 -16.19 2.35 23.75
CA PHE A 51 -17.17 3.44 23.63
C PHE A 51 -18.41 2.97 22.87
N GLU A 52 -19.52 3.69 23.02
CA GLU A 52 -20.70 3.40 22.23
C GLU A 52 -20.91 4.41 21.09
N LEU A 53 -21.07 3.89 19.89
CA LEU A 53 -21.29 4.69 18.70
C LEU A 53 -22.75 5.13 18.69
N LEU A 54 -23.00 6.33 19.19
CA LEU A 54 -24.33 6.93 19.15
C LEU A 54 -24.77 7.18 17.71
N GLU A 55 -23.84 7.67 16.90
CA GLU A 55 -24.13 7.99 15.50
C GLU A 55 -22.84 8.24 14.72
N GLY A 56 -22.90 7.98 13.42
CA GLY A 56 -21.77 8.10 12.52
C GLY A 56 -21.28 6.71 12.16
N THR A 57 -20.31 6.63 11.27
CA THR A 57 -19.80 5.34 10.83
C THR A 57 -18.29 5.24 11.05
N VAL A 58 -17.85 4.10 11.58
CA VAL A 58 -16.42 3.85 11.84
C VAL A 58 -15.92 2.60 11.13
N GLN A 59 -14.60 2.45 11.07
CA GLN A 59 -13.96 1.28 10.49
C GLN A 59 -12.93 0.74 11.47
N SER A 60 -12.92 -0.57 11.67
CA SER A 60 -12.02 -1.21 12.63
C SER A 60 -10.70 -1.60 11.96
N MET A 61 -9.60 -1.30 12.64
CA MET A 61 -8.29 -1.74 12.20
C MET A 61 -8.09 -3.24 12.44
N TRP A 62 -8.75 -3.77 13.46
CA TRP A 62 -8.64 -5.18 13.84
C TRP A 62 -10.02 -5.71 14.24
N PRO A 63 -10.80 -6.23 13.27
CA PRO A 63 -12.15 -6.76 13.57
C PRO A 63 -12.17 -7.86 14.64
N ASP A 64 -11.15 -8.70 14.69
CA ASP A 64 -11.08 -9.79 15.65
C ASP A 64 -10.51 -9.35 16.99
N ALA A 65 -10.37 -8.05 17.21
CA ALA A 65 -9.70 -7.54 18.40
C ALA A 65 -10.30 -8.11 19.69
N PRO A 66 -9.49 -8.84 20.47
CA PRO A 66 -9.97 -9.55 21.66
C PRO A 66 -10.50 -8.66 22.80
N GLY A 67 -10.10 -7.39 22.82
CA GLY A 67 -10.64 -6.44 23.79
C GLY A 67 -12.15 -6.25 23.65
N LEU A 68 -12.66 -6.61 22.48
CA LEU A 68 -14.10 -6.62 22.23
C LEU A 68 -14.56 -8.08 22.33
N SER A 69 -15.53 -8.32 23.21
CA SER A 69 -16.02 -9.68 23.45
C SER A 69 -16.80 -10.20 22.25
N SER A 70 -17.05 -11.51 22.24
CA SER A 70 -17.83 -12.14 21.17
C SER A 70 -19.22 -11.48 21.04
N ARG A 71 -19.84 -11.22 22.20
CA ARG A 71 -21.11 -10.52 22.26
C ARG A 71 -21.04 -9.13 21.61
N ASP A 72 -20.16 -8.27 22.12
CA ASP A 72 -20.02 -6.90 21.63
C ASP A 72 -19.70 -6.79 20.13
N ARG A 73 -18.85 -7.69 19.64
CA ARG A 73 -18.49 -7.74 18.21
C ARG A 73 -19.72 -8.06 17.34
N GLU A 74 -20.66 -8.81 17.91
CA GLU A 74 -21.80 -9.36 17.17
C GLU A 74 -23.11 -8.57 17.38
N LYS A 75 -23.23 -7.87 18.51
CA LYS A 75 -24.47 -7.19 18.86
C LYS A 75 -24.20 -5.80 19.43
N GLY A 76 -25.01 -4.84 19.00
CA GLY A 76 -24.99 -3.50 19.56
C GLY A 76 -24.04 -2.55 18.88
N ASN A 77 -23.74 -1.46 19.57
CA ASN A 77 -23.00 -0.33 19.01
C ASN A 77 -21.70 -0.05 19.75
N ARG A 78 -21.16 -1.07 20.44
CA ARG A 78 -19.92 -0.89 21.20
C ARG A 78 -18.68 -1.22 20.35
N HIS A 79 -17.76 -0.28 20.30
CA HIS A 79 -16.48 -0.45 19.59
C HIS A 79 -15.33 -0.10 20.52
N LEU A 80 -14.11 -0.28 20.01
CA LEU A 80 -12.88 0.07 20.71
C LEU A 80 -12.26 1.31 20.08
N ALA A 81 -12.06 2.34 20.88
CA ALA A 81 -11.49 3.60 20.41
C ALA A 81 -10.07 3.47 19.82
N CYS A 82 -9.25 2.57 20.38
CA CYS A 82 -7.87 2.40 19.88
C CYS A 82 -7.80 1.72 18.50
N GLN A 83 -8.88 1.05 18.09
CA GLN A 83 -8.90 0.29 16.82
C GLN A 83 -9.69 0.95 15.71
N CYS A 84 -10.52 1.95 16.04
CA CYS A 84 -11.51 2.48 15.09
C CYS A 84 -11.12 3.81 14.46
N ILE A 85 -11.33 3.94 13.15
CA ILE A 85 -11.20 5.23 12.45
C ILE A 85 -12.58 5.75 12.07
N ALA A 86 -12.71 7.08 11.97
CA ALA A 86 -13.96 7.72 11.58
C ALA A 86 -14.07 7.75 10.06
N LEU A 87 -15.27 7.43 9.55
CA LEU A 87 -15.61 7.65 8.13
C LEU A 87 -16.69 8.72 7.95
N SER A 88 -17.08 9.37 9.03
CA SER A 88 -18.00 10.52 8.99
C SER A 88 -17.93 11.26 10.33
N ASP A 89 -18.67 12.35 10.46
CA ASP A 89 -18.88 12.97 11.77
C ASP A 89 -19.38 11.89 12.75
N LEU A 90 -18.97 11.99 14.00
CA LEU A 90 -19.31 10.97 15.00
C LEU A 90 -19.83 11.59 16.28
N ARG A 91 -20.81 10.93 16.87
CA ARG A 91 -21.23 11.19 18.23
C ARG A 91 -20.99 9.90 19.00
N ILE A 92 -20.25 9.97 20.09
CA ILE A 92 -19.94 8.80 20.90
C ILE A 92 -20.12 9.12 22.37
N LYS A 93 -20.28 8.07 23.18
CA LYS A 93 -20.42 8.21 24.62
C LYS A 93 -19.35 7.32 25.28
N VAL A 94 -18.54 7.94 26.14
CA VAL A 94 -17.49 7.27 26.92
C VAL A 94 -17.31 7.97 28.26
N ALA A 95 -16.93 7.22 29.28
CA ALA A 95 -16.63 7.80 30.59
C ALA A 95 -15.23 8.39 30.58
N VAL A 96 -15.16 9.67 30.29
CA VAL A 96 -13.90 10.42 30.28
C VAL A 96 -13.40 10.66 31.70
N GLN A 97 -12.10 10.45 31.92
CA GLN A 97 -11.46 10.69 33.22
C GLN A 97 -10.19 11.51 33.08
N ASP A 98 -9.88 12.31 34.10
CA ASP A 98 -8.74 13.23 34.05
C ASP A 98 -7.38 12.51 34.00
N LYS A 99 -7.27 11.36 34.67
CA LYS A 99 -6.02 10.62 34.75
C LYS A 99 -5.47 10.13 33.40
N TYR A 100 -6.30 10.20 32.36
CA TYR A 100 -5.91 9.78 31.02
C TYR A 100 -5.51 10.95 30.11
N ILE A 101 -5.63 12.18 30.59
CA ILE A 101 -5.23 13.34 29.78
C ILE A 101 -3.72 13.28 29.58
N PRO A 102 -3.24 13.41 28.34
CA PRO A 102 -1.80 13.32 28.13
C PRO A 102 -1.00 14.22 29.08
N ALA A 103 -0.20 13.58 29.92
CA ALA A 103 0.79 14.26 30.74
C ALA A 103 1.57 15.24 29.87
N ILE A 104 2.05 14.72 28.73
CA ILE A 104 2.78 15.49 27.73
C ILE A 104 2.01 15.41 26.41
N PRO A 105 1.68 16.56 25.79
CA PRO A 105 0.96 16.60 24.52
C PRO A 105 1.48 15.60 23.51
N ILE A 106 0.61 14.76 22.97
CA ILE A 106 1.04 13.72 22.03
C ILE A 106 1.09 14.29 20.61
N SER A 107 1.93 13.73 19.75
CA SER A 107 2.05 14.20 18.39
C SER A 107 2.56 13.12 17.44
N LYS A 108 2.32 13.33 16.15
CA LYS A 108 2.74 12.42 15.10
C LYS A 108 4.11 12.85 14.59
N MET A 109 5.12 12.01 14.81
CA MET A 109 6.50 12.38 14.53
C MET A 109 7.13 11.47 13.48
N GLU A 110 7.73 12.10 12.48
CA GLU A 110 8.60 11.41 11.53
C GLU A 110 9.95 11.15 12.22
N ALA A 111 10.35 9.88 12.30
CA ALA A 111 11.56 9.49 13.03
C ALA A 111 12.45 8.60 12.19
N GLU A 112 13.76 8.86 12.23
CA GLU A 112 14.74 8.09 11.46
C GLU A 112 15.57 7.20 12.36
N VAL A 113 15.75 5.94 11.97
CA VAL A 113 16.62 5.02 12.71
C VAL A 113 18.07 5.49 12.55
N VAL A 114 18.76 5.49 13.68
CA VAL A 114 20.07 6.09 13.81
C VAL A 114 21.10 5.10 14.36
N ALA A 115 20.62 4.10 15.10
CA ALA A 115 21.49 3.10 15.72
C ALA A 115 20.71 1.84 16.04
N VAL A 116 21.26 0.70 15.66
CA VAL A 116 20.72 -0.60 16.02
C VAL A 116 21.84 -1.38 16.65
N ARG A 117 21.55 -2.11 17.72
CA ARG A 117 22.57 -2.87 18.41
C ARG A 117 22.00 -4.05 19.17
N ALA A 118 22.82 -5.08 19.34
CA ALA A 118 22.40 -6.31 20.00
C ALA A 118 22.29 -6.08 21.48
N LEU A 119 21.07 -6.21 22.00
CA LEU A 119 20.83 -6.09 23.42
C LEU A 119 21.06 -7.42 24.10
N THR A 120 20.36 -8.44 23.61
CA THR A 120 20.45 -9.80 24.12
C THR A 120 20.39 -10.75 22.92
N HIS A 121 20.45 -12.04 23.19
CA HIS A 121 20.23 -13.09 22.19
C HIS A 121 18.85 -12.94 21.53
N ASP A 122 17.89 -12.35 22.25
CA ASP A 122 16.53 -12.14 21.75
C ASP A 122 16.20 -10.71 21.38
N LEU A 123 16.71 -9.76 22.16
CA LEU A 123 16.32 -8.37 21.98
C LEU A 123 17.26 -7.59 21.07
N LEU A 124 16.66 -6.72 20.27
CA LEU A 124 17.38 -5.80 19.41
C LEU A 124 16.98 -4.39 19.83
N SER A 125 17.96 -3.54 20.07
CA SER A 125 17.68 -2.17 20.48
C SER A 125 17.78 -1.25 19.28
N VAL A 126 16.75 -0.44 19.07
CA VAL A 126 16.68 0.46 17.94
C VAL A 126 16.53 1.90 18.45
N LYS A 127 17.41 2.78 17.97
CA LYS A 127 17.45 4.17 18.39
C LYS A 127 17.10 5.05 17.20
N LEU A 128 16.03 5.84 17.33
CA LEU A 128 15.56 6.71 16.26
C LEU A 128 15.69 8.18 16.66
N ARG A 129 15.76 9.06 15.67
CA ARG A 129 15.79 10.50 15.94
C ARG A 129 14.64 11.24 15.28
N THR A 130 14.06 12.17 16.02
CA THR A 130 13.02 13.06 15.52
C THR A 130 13.59 14.47 15.48
N ASP A 131 12.99 15.32 14.66
CA ASP A 131 13.37 16.74 14.59
C ASP A 131 12.97 17.49 15.86
N VAL A 132 12.09 16.89 16.65
CA VAL A 132 11.60 17.48 17.89
C VAL A 132 12.26 16.83 19.12
N PRO A 133 12.34 17.55 20.24
CA PRO A 133 12.90 16.94 21.45
C PRO A 133 12.17 15.67 21.84
N ALA A 134 12.91 14.68 22.30
CA ALA A 134 12.32 13.45 22.82
C ALA A 134 11.84 13.74 24.22
N ASN A 135 10.53 13.96 24.34
CA ASN A 135 9.93 14.37 25.60
C ASN A 135 8.89 13.35 26.06
N PHE A 136 9.26 12.56 27.07
CA PHE A 136 8.40 11.52 27.61
C PHE A 136 8.82 11.13 29.03
N LEU A 137 7.87 10.59 29.79
CA LEU A 137 8.11 10.14 31.15
C LEU A 137 8.60 8.70 31.13
N PRO A 138 9.41 8.30 32.13
CA PRO A 138 9.86 6.89 32.20
C PRO A 138 8.69 5.92 32.38
N GLY A 139 8.53 5.02 31.42
CA GLY A 139 7.44 4.05 31.42
C GLY A 139 6.37 4.29 30.36
N GLN A 140 6.47 5.37 29.62
CA GLN A 140 5.55 5.64 28.51
C GLN A 140 5.96 4.89 27.25
N PHE A 141 5.05 4.81 26.28
CA PHE A 141 5.32 4.13 25.02
C PHE A 141 4.99 5.00 23.82
N CYS A 142 5.35 4.49 22.64
CA CYS A 142 4.93 5.06 21.37
C CYS A 142 4.19 4.03 20.56
N LEU A 143 3.27 4.52 19.73
CA LEU A 143 2.63 3.71 18.71
C LEU A 143 3.43 3.91 17.45
N ILE A 144 3.85 2.82 16.82
CA ILE A 144 4.80 2.89 15.71
C ILE A 144 4.20 2.34 14.41
N GLU A 145 4.37 3.11 13.34
CA GLU A 145 3.85 2.77 12.01
C GLU A 145 4.98 2.78 11.00
N ALA A 146 4.88 1.91 9.99
CA ALA A 146 5.81 1.91 8.87
C ALA A 146 5.03 2.14 7.58
N GLU A 147 5.39 3.16 6.82
CA GLU A 147 4.63 3.52 5.59
C GLU A 147 4.40 2.35 4.63
N GLN A 148 5.25 1.33 4.70
CA GLN A 148 5.05 0.09 3.95
C GLN A 148 3.71 -0.54 4.30
N LEU A 149 3.38 -0.53 5.60
CA LEU A 149 2.13 -1.09 6.10
C LEU A 149 1.30 0.00 6.79
N PRO A 150 0.35 0.61 6.06
CA PRO A 150 -0.49 1.67 6.65
C PRO A 150 -1.19 1.30 7.96
N GLY A 151 -2.10 0.33 7.94
CA GLY A 151 -2.91 0.04 9.14
C GLY A 151 -2.27 -0.88 10.19
N VAL A 152 -0.95 -0.80 10.37
CA VAL A 152 -0.22 -1.73 11.25
C VAL A 152 0.43 -1.07 12.48
N VAL A 153 -0.35 -0.30 13.23
CA VAL A 153 0.18 0.41 14.40
C VAL A 153 0.37 -0.53 15.61
N ARG A 154 1.61 -0.58 16.13
CA ARG A 154 1.94 -1.40 17.31
C ARG A 154 2.65 -0.57 18.39
N ALA A 155 2.50 -0.96 19.64
CA ALA A 155 3.04 -0.22 20.78
C ALA A 155 4.40 -0.76 21.25
N TYR A 156 5.29 0.16 21.62
CA TYR A 156 6.63 -0.18 22.13
C TYR A 156 7.05 0.81 23.20
N SER A 157 7.41 0.31 24.38
CA SER A 157 7.86 1.16 25.47
C SER A 157 9.22 1.76 25.15
N MET A 158 9.42 3.03 25.48
CA MET A 158 10.75 3.63 25.33
C MET A 158 11.73 3.04 26.36
N ALA A 159 12.96 2.77 25.93
CA ALA A 159 13.98 2.15 26.79
C ALA A 159 14.94 3.17 27.41
N ASN A 160 15.15 4.27 26.72
CA ASN A 160 16.04 5.33 27.14
C ASN A 160 15.26 6.36 27.95
N SER A 161 15.75 7.59 28.03
CA SER A 161 15.07 8.63 28.76
C SER A 161 14.99 9.92 28.00
N MET A 162 14.02 10.74 28.39
CA MET A 162 13.85 12.10 27.93
C MET A 162 15.19 12.80 27.70
N ASN A 163 15.39 13.26 26.46
CA ASN A 163 16.60 13.98 26.05
C ASN A 163 16.23 15.06 25.04
N PRO A 164 17.07 16.11 24.92
CA PRO A 164 16.77 17.18 23.96
C PRO A 164 17.31 16.90 22.56
N ASP A 165 17.99 15.78 22.37
CA ASP A 165 18.58 15.44 21.06
C ASP A 165 17.57 14.71 20.16
N GLY A 166 16.38 14.42 20.69
CA GLY A 166 15.32 13.82 19.90
C GLY A 166 15.48 12.32 19.69
N PHE A 167 16.04 11.64 20.69
CA PHE A 167 16.32 10.20 20.59
C PHE A 167 15.28 9.33 21.28
N TRP A 168 14.74 8.36 20.54
CA TRP A 168 13.76 7.42 21.05
C TRP A 168 14.28 6.00 20.83
N GLU A 169 14.44 5.23 21.91
CA GLU A 169 15.00 3.88 21.83
C GLU A 169 13.92 2.86 22.18
N PHE A 170 13.87 1.77 21.42
CA PHE A 170 12.94 0.66 21.70
C PHE A 170 13.65 -0.67 21.59
N TYR A 171 13.12 -1.68 22.30
CA TYR A 171 13.63 -3.04 22.20
C TYR A 171 12.64 -3.89 21.40
N ILE A 172 13.12 -4.48 20.31
CA ILE A 172 12.29 -5.32 19.45
C ILE A 172 12.86 -6.72 19.33
N LYS A 173 12.08 -7.63 18.79
CA LYS A 173 12.46 -9.05 18.76
C LYS A 173 13.41 -9.35 17.60
N ARG A 174 14.44 -10.13 17.92
CA ARG A 174 15.40 -10.60 16.92
C ARG A 174 14.69 -11.44 15.88
N VAL A 175 13.94 -12.43 16.36
CA VAL A 175 13.10 -13.25 15.50
C VAL A 175 11.76 -12.54 15.22
N PRO A 176 11.45 -12.29 13.94
CA PRO A 176 10.14 -11.73 13.60
C PRO A 176 9.04 -12.77 13.81
N THR A 177 8.46 -12.76 15.01
CA THR A 177 7.41 -13.73 15.36
C THR A 177 6.07 -13.02 15.29
N GLY A 178 5.39 -12.88 16.43
CA GLY A 178 4.13 -12.18 16.51
C GLY A 178 3.40 -12.55 15.26
N ARG A 179 3.12 -11.54 14.44
CA ARG A 179 2.38 -11.78 13.20
C ARG A 179 2.64 -10.62 12.22
N PHE A 180 2.18 -9.42 12.56
CA PHE A 180 2.42 -8.25 11.72
C PHE A 180 3.04 -7.14 12.56
N SER A 181 4.09 -6.53 12.04
CA SER A 181 4.89 -5.56 12.77
C SER A 181 5.44 -4.52 11.80
N PRO A 182 5.59 -3.26 12.26
CA PRO A 182 6.19 -2.24 11.42
C PRO A 182 7.70 -2.43 11.25
N TRP A 183 8.29 -3.28 12.10
CA TRP A 183 9.72 -3.61 12.04
C TRP A 183 10.00 -4.70 11.01
N LEU A 184 9.69 -4.42 9.76
CA LEU A 184 10.19 -5.22 8.64
C LEU A 184 11.72 -5.11 8.70
N PHE A 185 12.42 -6.08 8.15
CA PHE A 185 13.88 -6.08 8.17
C PHE A 185 14.47 -4.96 7.31
N GLU A 186 13.76 -4.58 6.26
CA GLU A 186 14.08 -3.36 5.52
C GLU A 186 13.93 -2.07 6.36
N ASN A 187 13.33 -2.17 7.55
CA ASN A 187 13.18 -1.03 8.46
C ASN A 187 14.07 -1.09 9.71
N ARG A 188 14.80 -2.19 9.89
CA ARG A 188 15.75 -2.32 11.00
C ARG A 188 17.14 -1.88 10.59
N LYS A 189 17.26 -1.16 9.48
CA LYS A 189 18.54 -0.67 9.03
C LYS A 189 18.63 0.84 9.29
N VAL A 190 19.86 1.29 9.54
CA VAL A 190 20.13 2.71 9.74
C VAL A 190 19.64 3.50 8.54
N GLY A 191 18.86 4.56 8.79
CA GLY A 191 18.31 5.40 7.73
C GLY A 191 16.85 5.14 7.38
N ALA A 192 16.27 4.09 7.94
CA ALA A 192 14.85 3.82 7.76
C ALA A 192 14.03 4.89 8.48
N ARG A 193 12.86 5.21 7.93
CA ARG A 193 11.98 6.22 8.50
C ARG A 193 10.69 5.59 8.98
N LEU A 194 10.31 5.90 10.21
CA LEU A 194 9.08 5.41 10.81
C LEU A 194 8.31 6.56 11.40
N PHE A 195 7.10 6.28 11.83
CA PHE A 195 6.25 7.28 12.46
C PHE A 195 5.92 6.91 13.89
N LEU A 196 6.32 7.77 14.84
CA LEU A 196 6.03 7.58 16.26
C LEU A 196 4.88 8.48 16.68
N THR A 197 3.91 7.90 17.38
CA THR A 197 2.85 8.69 18.00
C THR A 197 2.98 8.52 19.49
N GLY A 198 3.03 9.64 20.21
CA GLY A 198 3.18 9.60 21.65
C GLY A 198 3.74 10.88 22.21
N PRO A 199 4.23 10.84 23.47
CA PRO A 199 4.23 9.67 24.35
C PRO A 199 2.83 9.25 24.84
N MET A 200 2.59 7.95 24.88
CA MET A 200 1.35 7.36 25.39
C MET A 200 1.59 6.72 26.76
N GLY A 201 0.52 6.43 27.48
CA GLY A 201 0.59 5.61 28.68
C GLY A 201 0.53 6.39 29.97
N THR A 202 -0.11 5.79 30.97
CA THR A 202 -0.25 6.39 32.28
C THR A 202 0.39 5.51 33.36
N SER A 203 1.17 4.52 32.94
CA SER A 203 1.85 3.60 33.86
C SER A 203 3.31 4.00 34.05
N PHE A 204 3.56 5.32 34.01
CA PHE A 204 4.91 5.83 34.13
C PHE A 204 5.34 5.84 35.59
N PHE A 205 6.64 6.04 35.80
CA PHE A 205 7.24 6.06 37.12
C PHE A 205 6.54 7.05 38.06
N ARG A 206 6.32 6.62 39.31
CA ARG A 206 5.75 7.49 40.36
C ARG A 206 6.81 7.87 41.40
N PRO A 207 7.25 9.14 41.40
CA PRO A 207 8.20 9.54 42.46
C PRO A 207 7.53 9.80 43.82
N GLY A 208 8.34 9.93 44.86
CA GLY A 208 7.85 10.28 46.20
C GLY A 208 6.99 9.26 46.91
N THR A 209 7.19 8.00 46.61
CA THR A 209 6.43 6.91 47.26
C THR A 209 7.14 6.50 48.54
N GLY A 210 8.47 6.58 48.54
CA GLY A 210 9.27 6.16 49.69
C GLY A 210 9.50 4.66 49.72
N ARG A 211 8.84 3.95 48.81
CA ARG A 211 8.98 2.50 48.69
C ARG A 211 10.04 2.16 47.67
N LYS A 212 10.58 0.95 47.79
CA LYS A 212 11.56 0.46 46.84
C LYS A 212 10.87 -0.06 45.59
N SER A 213 11.58 0.02 44.47
CA SER A 213 11.03 -0.40 43.19
C SER A 213 11.38 -1.85 42.88
N LEU A 214 10.41 -2.57 42.35
CA LEU A 214 10.60 -3.89 41.79
C LEU A 214 10.09 -3.89 40.36
N CYS A 215 10.98 -4.14 39.40
CA CYS A 215 10.63 -4.10 37.99
C CYS A 215 10.68 -5.50 37.42
N ILE A 216 9.59 -5.92 36.78
CA ILE A 216 9.50 -7.27 36.19
C ILE A 216 9.22 -7.13 34.70
N GLY A 217 10.17 -7.55 33.87
CA GLY A 217 10.05 -7.41 32.42
C GLY A 217 10.28 -8.69 31.65
N GLY A 218 9.24 -9.20 31.00
CA GLY A 218 9.37 -10.39 30.16
C GLY A 218 9.50 -10.00 28.69
N GLY A 219 10.47 -10.60 28.00
CA GLY A 219 10.68 -10.32 26.59
C GLY A 219 11.04 -8.87 26.34
N ALA A 220 10.39 -8.26 25.35
CA ALA A 220 10.66 -6.86 25.01
C ALA A 220 10.25 -5.89 26.11
N GLY A 221 9.43 -6.37 27.05
CA GLY A 221 9.04 -5.61 28.23
C GLY A 221 10.20 -5.13 29.09
N LEU A 222 11.39 -5.67 28.82
CA LEU A 222 12.62 -5.20 29.46
C LEU A 222 12.89 -3.71 29.22
N SER A 223 12.38 -3.17 28.11
CA SER A 223 12.50 -1.74 27.82
C SER A 223 11.84 -0.91 28.91
N TYR A 224 10.57 -1.22 29.17
CA TYR A 224 9.78 -0.58 30.22
C TYR A 224 10.44 -0.78 31.61
N ALA A 225 10.78 -2.03 31.93
CA ALA A 225 11.44 -2.35 33.21
C ALA A 225 12.74 -1.57 33.41
N ALA A 226 13.52 -1.40 32.34
CA ALA A 226 14.79 -0.68 32.41
C ALA A 226 14.62 0.83 32.60
N ALA A 227 13.61 1.40 31.94
CA ALA A 227 13.33 2.84 32.04
C ALA A 227 12.83 3.23 33.44
N ILE A 228 12.08 2.32 34.06
CA ILE A 228 11.64 2.54 35.44
C ILE A 228 12.82 2.39 36.40
N ALA A 229 13.63 1.34 36.20
CA ALA A 229 14.78 1.09 37.05
C ALA A 229 15.75 2.28 37.06
N ARG A 230 16.10 2.76 35.86
CA ARG A 230 16.92 3.95 35.71
C ARG A 230 16.39 5.14 36.51
N ALA A 231 15.09 5.38 36.35
CA ALA A 231 14.41 6.52 36.97
C ALA A 231 14.32 6.41 38.50
N SER A 232 14.20 5.19 39.01
CA SER A 232 14.21 4.93 40.46
C SER A 232 15.57 5.22 41.08
N ILE A 233 16.61 4.84 40.36
CA ILE A 233 17.98 5.01 40.85
C ILE A 233 18.34 6.49 40.80
N ARG A 234 17.91 7.15 39.74
CA ARG A 234 18.07 8.60 39.61
C ARG A 234 17.38 9.33 40.76
N GLU A 235 16.19 8.86 41.12
CA GLU A 235 15.41 9.46 42.20
C GLU A 235 16.08 9.33 43.57
N THR A 236 16.40 8.08 43.96
CA THR A 236 16.75 7.77 45.35
C THR A 236 18.13 7.16 45.61
N ASP A 237 18.74 6.57 44.60
CA ASP A 237 19.99 5.83 44.76
C ASP A 237 19.82 4.58 45.64
N LYS A 238 18.58 4.11 45.78
CA LYS A 238 18.31 2.85 46.49
C LYS A 238 18.48 1.68 45.52
N PRO A 239 18.73 0.48 46.05
CA PRO A 239 18.78 -0.69 45.17
C PRO A 239 17.41 -1.02 44.52
N VAL A 240 17.41 -1.20 43.21
CA VAL A 240 16.23 -1.64 42.47
C VAL A 240 16.35 -3.11 42.12
N LYS A 241 15.40 -3.92 42.57
CA LYS A 241 15.32 -5.31 42.17
C LYS A 241 14.66 -5.40 40.81
N LEU A 242 15.30 -6.10 39.89
CA LEU A 242 14.78 -6.26 38.55
C LEU A 242 14.85 -7.72 38.14
N PHE A 243 13.72 -8.25 37.71
CA PHE A 243 13.63 -9.60 37.18
C PHE A 243 13.35 -9.54 35.68
N TYR A 244 13.99 -10.40 34.89
CA TYR A 244 13.64 -10.49 33.47
C TYR A 244 13.75 -11.88 32.88
N GLY A 245 12.96 -12.11 31.84
CA GLY A 245 12.95 -13.37 31.10
C GLY A 245 13.64 -13.26 29.74
N SER A 246 14.60 -14.13 29.51
CA SER A 246 15.17 -14.34 28.18
C SER A 246 15.39 -15.82 27.98
N ARG A 247 15.14 -16.33 26.78
CA ARG A 247 15.07 -17.79 26.54
C ARG A 247 16.41 -18.49 26.64
N THR A 248 17.48 -17.80 26.27
CA THR A 248 18.83 -18.36 26.35
C THR A 248 19.42 -18.11 27.74
N PRO A 249 20.15 -19.09 28.30
CA PRO A 249 20.78 -18.87 29.60
C PRO A 249 21.79 -17.72 29.61
N ARG A 250 21.80 -16.95 30.69
CA ARG A 250 22.86 -15.97 30.97
C ARG A 250 23.16 -14.94 29.86
N ASP A 251 22.15 -14.48 29.12
CA ASP A 251 22.39 -13.38 28.17
C ASP A 251 22.29 -12.03 28.88
N ALA A 252 23.43 -11.60 29.42
CA ALA A 252 23.55 -10.33 30.14
C ALA A 252 23.37 -9.15 29.21
N VAL A 253 22.84 -8.07 29.75
CA VAL A 253 22.73 -6.81 29.02
C VAL A 253 23.83 -5.90 29.55
N ARG A 254 24.49 -5.19 28.64
CA ARG A 254 25.54 -4.26 29.02
C ARG A 254 24.85 -3.02 29.58
N TRP A 255 24.76 -2.96 30.91
CA TRP A 255 23.95 -1.94 31.58
C TRP A 255 24.52 -0.51 31.46
N ILE A 256 25.82 -0.39 31.20
CA ILE A 256 26.43 0.93 30.95
C ILE A 256 26.06 1.51 29.59
N ASP A 257 25.71 0.66 28.63
CA ASP A 257 25.24 1.11 27.32
C ASP A 257 23.79 1.57 27.37
N ILE A 258 23.02 1.03 28.33
CA ILE A 258 21.65 1.49 28.59
C ILE A 258 21.61 2.52 29.72
N ASP A 259 22.77 3.13 30.03
CA ASP A 259 22.86 4.24 30.98
C ASP A 259 22.33 3.89 32.38
N ILE A 260 22.63 2.68 32.84
CA ILE A 260 22.22 2.21 34.15
C ILE A 260 23.44 1.72 34.94
N ASP A 261 23.55 2.19 36.18
CA ASP A 261 24.63 1.74 37.07
C ASP A 261 24.27 0.36 37.61
N GLU A 262 25.15 -0.61 37.37
CA GLU A 262 24.93 -2.00 37.81
C GLU A 262 24.98 -2.16 39.32
N ASP A 263 25.73 -1.30 40.00
CA ASP A 263 25.56 -1.13 41.44
C ASP A 263 24.20 -0.48 41.60
N LYS A 264 23.51 -0.72 42.72
CA LYS A 264 22.13 -0.23 42.87
C LYS A 264 21.17 -0.95 41.91
N LEU A 265 21.60 -2.12 41.43
CA LEU A 265 20.84 -2.91 40.46
C LEU A 265 21.01 -4.39 40.83
N GLU A 266 19.90 -5.05 41.15
CA GLU A 266 19.93 -6.45 41.56
C GLU A 266 19.15 -7.27 40.53
N VAL A 267 19.87 -7.79 39.55
CA VAL A 267 19.23 -8.47 38.42
C VAL A 267 19.12 -9.98 38.64
N VAL A 268 17.94 -10.51 38.37
CA VAL A 268 17.71 -11.95 38.35
C VAL A 268 17.09 -12.30 37.00
N GLN A 269 17.76 -13.12 36.22
CA GLN A 269 17.19 -13.58 34.96
C GLN A 269 16.44 -14.88 35.15
N ALA A 270 15.29 -14.99 34.51
CA ALA A 270 14.50 -16.23 34.45
C ALA A 270 14.57 -16.77 33.03
N VAL A 271 15.27 -17.89 32.87
CA VAL A 271 15.42 -18.53 31.56
C VAL A 271 14.11 -19.11 31.02
N THR A 272 13.68 -18.64 29.85
CA THR A 272 12.40 -19.00 29.24
C THR A 272 12.44 -20.41 28.66
N ILE A 283 10.26 -26.56 35.76
CA ILE A 283 9.47 -25.69 34.88
C ILE A 283 8.54 -24.81 35.76
N GLY A 284 7.67 -24.02 35.14
CA GLY A 284 7.03 -22.87 35.78
C GLY A 284 7.75 -21.66 35.22
N PHE A 285 7.34 -20.43 35.57
CA PHE A 285 8.06 -19.26 35.03
C PHE A 285 8.29 -18.04 35.95
N ILE A 286 8.64 -16.92 35.31
CA ILE A 286 8.99 -15.64 35.94
C ILE A 286 8.31 -15.17 37.23
N HIS A 287 6.99 -15.36 37.35
CA HIS A 287 6.26 -14.89 38.53
C HIS A 287 6.36 -15.86 39.70
N GLN A 288 6.84 -17.09 39.44
CA GLN A 288 7.17 -18.02 40.51
C GLN A 288 8.61 -17.80 40.97
N VAL A 289 9.45 -17.24 40.11
CA VAL A 289 10.83 -16.87 40.46
C VAL A 289 10.81 -15.61 41.33
N VAL A 290 9.90 -14.69 41.05
CA VAL A 290 9.74 -13.47 41.85
C VAL A 290 9.17 -13.80 43.23
N ASP A 291 8.08 -14.57 43.23
CA ASP A 291 7.38 -14.99 44.45
C ASP A 291 8.31 -15.79 45.37
N ALA A 292 9.10 -16.69 44.79
CA ALA A 292 10.06 -17.48 45.58
C ALA A 292 11.09 -16.56 46.23
N ALA A 293 11.69 -15.70 45.42
CA ALA A 293 12.78 -14.83 45.85
C ALA A 293 12.40 -13.81 46.92
N LEU A 294 11.16 -13.33 46.91
CA LEU A 294 10.76 -12.23 47.81
C LEU A 294 9.73 -12.60 48.88
N LEU A 295 9.03 -13.73 48.71
CA LEU A 295 8.08 -14.25 49.70
C LEU A 295 6.99 -13.25 50.11
N GLU A 296 6.90 -12.93 51.40
CA GLU A 296 5.82 -12.11 51.95
C GLU A 296 6.20 -10.64 52.06
N THR A 297 7.26 -10.23 51.36
CA THR A 297 7.78 -8.87 51.48
C THR A 297 7.27 -7.96 50.36
N LEU A 298 6.63 -8.53 49.34
CA LEU A 298 6.21 -7.79 48.14
C LEU A 298 5.30 -6.58 48.37
N PRO A 299 4.31 -6.70 49.28
CA PRO A 299 3.44 -5.55 49.59
C PRO A 299 4.14 -4.25 49.95
N GLU A 300 5.42 -4.29 50.27
CA GLU A 300 6.17 -3.10 50.63
C GLU A 300 6.87 -2.43 49.43
N TYR A 301 6.76 -3.03 48.24
CA TYR A 301 7.40 -2.50 47.03
C TYR A 301 6.43 -1.78 46.11
N GLU A 302 6.97 -0.85 45.34
CA GLU A 302 6.25 -0.24 44.21
C GLU A 302 6.63 -1.07 42.98
N ILE A 303 5.66 -1.77 42.42
CA ILE A 303 5.94 -2.81 41.43
C ILE A 303 5.53 -2.36 40.02
N TYR A 304 6.45 -2.50 39.07
CA TYR A 304 6.18 -2.19 37.67
C TYR A 304 6.43 -3.44 36.82
N LEU A 305 5.45 -3.82 35.99
CA LEU A 305 5.61 -4.96 35.09
C LEU A 305 5.39 -4.57 33.64
N ALA A 306 6.01 -5.33 32.75
CA ALA A 306 5.69 -5.30 31.35
C ALA A 306 6.02 -6.65 30.75
N GLY A 307 5.42 -6.94 29.60
CA GLY A 307 5.64 -8.20 28.92
C GLY A 307 4.42 -8.66 28.15
N PRO A 308 4.44 -9.92 27.70
CA PRO A 308 3.29 -10.52 27.06
C PRO A 308 2.06 -10.50 27.96
N PRO A 309 0.87 -10.17 27.40
CA PRO A 309 -0.37 -10.12 28.19
C PRO A 309 -0.60 -11.28 29.16
N PRO A 310 -0.44 -12.55 28.72
CA PRO A 310 -0.61 -13.65 29.67
C PRO A 310 0.34 -13.62 30.87
N MET A 311 1.60 -13.27 30.64
CA MET A 311 2.57 -13.14 31.72
C MET A 311 2.18 -12.02 32.68
N VAL A 312 1.80 -10.87 32.13
CA VAL A 312 1.44 -9.71 32.97
C VAL A 312 0.23 -10.05 33.84
N ASP A 313 -0.78 -10.68 33.24
CA ASP A 313 -2.01 -11.04 33.96
C ASP A 313 -1.77 -12.06 35.08
N ALA A 314 -0.91 -13.04 34.82
CA ALA A 314 -0.58 -14.04 35.81
C ALA A 314 0.13 -13.41 37.00
N THR A 315 1.07 -12.52 36.70
CA THR A 315 1.87 -11.84 37.71
C THR A 315 1.03 -10.91 38.60
N VAL A 316 0.13 -10.13 38.01
CA VAL A 316 -0.72 -9.24 38.81
C VAL A 316 -1.65 -10.06 39.72
N ARG A 317 -2.09 -11.23 39.24
CA ARG A 317 -2.87 -12.15 40.07
C ARG A 317 -2.06 -12.65 41.25
N MET A 318 -0.83 -13.08 40.99
CA MET A 318 0.10 -13.49 42.03
C MET A 318 0.31 -12.36 43.04
N LEU A 319 0.55 -11.15 42.54
CA LEU A 319 0.80 -9.98 43.39
C LEU A 319 -0.37 -9.67 44.32
N LEU A 320 -1.55 -9.46 43.75
CA LEU A 320 -2.78 -9.19 44.52
C LEU A 320 -3.11 -10.29 45.51
N GLY A 321 -2.92 -11.53 45.08
CA GLY A 321 -3.09 -12.69 45.95
C GLY A 321 -2.13 -12.68 47.12
N LYS A 322 -0.96 -12.06 46.93
CA LYS A 322 0.04 -11.92 47.99
C LYS A 322 -0.08 -10.60 48.77
N GLY A 323 -1.21 -9.91 48.63
CA GLY A 323 -1.56 -8.76 49.47
C GLY A 323 -1.06 -7.40 49.01
N VAL A 324 -0.53 -7.34 47.80
CA VAL A 324 0.03 -6.09 47.27
C VAL A 324 -1.12 -5.16 46.91
N PRO A 325 -1.16 -3.96 47.52
CA PRO A 325 -2.20 -2.99 47.18
C PRO A 325 -2.25 -2.72 45.67
N ARG A 326 -3.46 -2.61 45.13
CA ARG A 326 -3.63 -2.41 43.69
C ARG A 326 -2.91 -1.17 43.16
N ASP A 327 -2.80 -0.15 44.00
CA ASP A 327 -2.24 1.13 43.59
C ASP A 327 -0.71 1.18 43.63
N GLN A 328 -0.09 0.08 44.06
CA GLN A 328 1.36 -0.06 43.97
C GLN A 328 1.79 -0.89 42.77
N ILE A 329 0.82 -1.37 42.00
CA ILE A 329 1.09 -2.16 40.80
C ILE A 329 0.86 -1.32 39.55
N HIS A 330 1.86 -1.29 38.69
CA HIS A 330 1.80 -0.55 37.44
C HIS A 330 2.24 -1.49 36.33
N PHE A 331 1.58 -1.42 35.17
CA PHE A 331 1.94 -2.31 34.07
C PHE A 331 1.57 -1.84 32.68
N ASP A 332 2.23 -2.45 31.70
CA ASP A 332 1.87 -2.29 30.31
C ASP A 332 1.99 -3.62 29.59
N ALA A 333 0.91 -4.01 28.94
CA ALA A 333 0.84 -5.24 28.17
C ALA A 333 0.23 -4.89 26.81
N PHE A 334 0.96 -5.16 25.73
CA PHE A 334 0.49 -4.83 24.39
C PHE A 334 0.16 -6.09 23.60
N PHE A 335 -0.80 -5.95 22.68
CA PHE A 335 -1.28 -7.02 21.86
C PHE A 335 -0.92 -6.74 20.40
N HIS B 3 -7.12 2.00 -3.35
CA HIS B 3 -6.55 3.10 -4.22
C HIS B 3 -7.62 3.98 -4.87
N HIS B 4 -8.63 4.40 -4.11
CA HIS B 4 -9.63 5.34 -4.63
C HIS B 4 -9.12 6.79 -4.55
N HIS B 5 -9.72 7.66 -5.36
CA HIS B 5 -9.44 9.10 -5.36
C HIS B 5 -10.73 9.88 -5.30
N HIS B 6 -10.66 11.16 -4.94
CA HIS B 6 -11.81 12.06 -5.02
C HIS B 6 -11.55 13.20 -5.99
N HIS B 7 -12.64 13.75 -6.53
CA HIS B 7 -12.56 14.86 -7.48
C HIS B 7 -13.48 15.98 -7.06
N TYR B 8 -12.95 17.19 -6.98
CA TYR B 8 -13.72 18.35 -6.58
C TYR B 8 -13.54 19.49 -7.57
N GLN B 9 -14.19 20.61 -7.29
CA GLN B 9 -14.07 21.81 -8.13
C GLN B 9 -12.96 22.71 -7.61
N LEU B 10 -12.18 23.24 -8.54
CA LEU B 10 -11.10 24.18 -8.25
C LEU B 10 -11.45 25.53 -8.88
N LYS B 11 -11.91 26.47 -8.06
CA LYS B 11 -12.14 27.84 -8.52
C LYS B 11 -10.90 28.68 -8.23
N ILE B 12 -10.25 29.17 -9.28
CA ILE B 12 -9.21 30.17 -9.15
C ILE B 12 -9.85 31.53 -9.45
N GLU B 13 -9.65 32.48 -8.53
CA GLU B 13 -10.25 33.80 -8.59
C GLU B 13 -9.99 34.48 -9.95
N GLY B 14 -11.05 35.02 -10.56
CA GLY B 14 -10.94 35.69 -11.86
C GLY B 14 -10.64 34.77 -13.02
N GLN B 15 -10.97 33.49 -12.88
CA GLN B 15 -10.65 32.48 -13.89
C GLN B 15 -11.83 31.52 -14.06
N ALA B 16 -11.89 30.86 -15.22
CA ALA B 16 -12.97 29.90 -15.50
C ALA B 16 -12.74 28.66 -14.64
N PRO B 17 -13.65 28.37 -13.69
CA PRO B 17 -13.43 27.26 -12.75
C PRO B 17 -13.11 25.94 -13.43
N GLY B 18 -12.11 25.22 -12.90
CA GLY B 18 -11.71 23.91 -13.42
C GLY B 18 -12.02 22.81 -12.41
N THR B 19 -11.15 21.80 -12.36
CA THR B 19 -11.34 20.67 -11.45
C THR B 19 -10.05 20.23 -10.79
N CYS B 20 -10.16 19.78 -9.54
CA CYS B 20 -9.03 19.27 -8.75
C CYS B 20 -9.40 17.92 -8.14
N GLY B 21 -8.44 17.31 -7.47
CA GLY B 21 -8.65 16.00 -6.85
C GLY B 21 -7.64 15.65 -5.77
N SER B 22 -7.81 14.47 -5.18
CA SER B 22 -6.90 13.95 -4.17
C SER B 22 -5.74 13.21 -4.83
N ASP B 23 -5.86 12.98 -6.14
CA ASP B 23 -4.90 12.20 -6.91
C ASP B 23 -3.75 13.02 -7.52
N LYS B 24 -3.95 14.32 -7.69
CA LYS B 24 -2.97 15.20 -8.31
C LYS B 24 -2.77 16.43 -7.44
N SER B 25 -1.64 17.12 -7.63
CA SER B 25 -1.40 18.38 -6.95
C SER B 25 -2.27 19.45 -7.62
N LEU B 26 -2.54 20.53 -6.89
CA LEU B 26 -3.32 21.64 -7.43
C LEU B 26 -2.61 22.28 -8.63
N LEU B 27 -1.29 22.27 -8.60
CA LEU B 27 -0.47 22.81 -9.68
C LEU B 27 -0.75 22.09 -11.00
N VAL B 28 -0.68 20.76 -10.99
CA VAL B 28 -0.86 19.99 -12.22
C VAL B 28 -2.32 19.99 -12.68
N SER B 29 -3.26 19.94 -11.73
CA SER B 29 -4.67 20.11 -12.04
C SER B 29 -4.92 21.40 -12.83
N ALA B 30 -4.36 22.50 -12.32
CA ALA B 30 -4.44 23.79 -12.98
C ALA B 30 -3.82 23.75 -14.38
N LEU B 31 -2.58 23.29 -14.46
CA LEU B 31 -1.83 23.22 -15.72
C LEU B 31 -2.53 22.34 -16.76
N ALA B 32 -3.13 21.25 -16.31
CA ALA B 32 -3.83 20.34 -17.22
C ALA B 32 -4.95 21.05 -17.97
N ASN B 33 -5.59 22.03 -17.33
CA ASN B 33 -6.60 22.83 -18.03
C ASN B 33 -6.15 24.27 -18.33
N GLY B 34 -4.90 24.39 -18.78
CA GLY B 34 -4.42 25.62 -19.43
C GLY B 34 -4.14 26.84 -18.56
N ILE B 35 -4.40 26.75 -17.26
CA ILE B 35 -4.20 27.89 -16.36
C ILE B 35 -2.71 28.07 -16.08
N GLY B 36 -2.28 29.33 -16.03
CA GLY B 36 -0.87 29.67 -15.85
C GLY B 36 -0.48 29.91 -14.41
N LEU B 37 -0.67 28.90 -13.57
CA LEU B 37 -0.33 28.95 -12.15
C LEU B 37 1.20 28.99 -12.04
N PRO B 38 1.77 30.01 -11.36
CA PRO B 38 3.24 30.07 -11.30
C PRO B 38 3.88 28.87 -10.62
N TYR B 39 5.01 28.42 -11.15
CA TYR B 39 5.79 27.37 -10.54
C TYR B 39 7.20 27.36 -11.13
N GLU B 40 8.09 26.56 -10.56
CA GLU B 40 9.42 26.37 -11.13
C GLU B 40 9.95 24.98 -10.80
N CYS B 41 10.24 24.73 -9.52
CA CYS B 41 10.85 23.48 -9.10
C CYS B 41 9.84 22.34 -9.08
N ALA B 42 8.56 22.67 -8.90
CA ALA B 42 7.47 21.70 -8.79
C ALA B 42 7.74 20.62 -7.75
N SER B 43 8.62 20.91 -6.79
CA SER B 43 9.00 19.96 -5.75
C SER B 43 9.07 20.62 -4.36
N GLY B 44 8.28 21.68 -4.16
CA GLY B 44 8.05 22.24 -2.83
C GLY B 44 9.15 23.06 -2.17
N GLY B 45 10.18 23.45 -2.91
CA GLY B 45 11.35 24.12 -2.32
C GLY B 45 11.59 25.57 -2.73
N CYS B 46 11.08 25.97 -3.89
CA CYS B 46 11.32 27.31 -4.41
C CYS B 46 10.25 28.32 -3.99
N GLY B 47 9.04 27.82 -3.71
CA GLY B 47 7.96 28.66 -3.18
C GLY B 47 7.19 29.53 -4.16
N VAL B 48 7.50 29.49 -5.46
CA VAL B 48 6.84 30.40 -6.41
C VAL B 48 5.37 30.01 -6.68
N CYS B 49 5.02 28.75 -6.44
CA CYS B 49 3.62 28.28 -6.59
C CYS B 49 2.73 28.62 -5.40
N LYS B 50 3.23 29.44 -4.47
CA LYS B 50 2.44 29.87 -3.31
C LYS B 50 1.06 30.40 -3.72
N PHE B 51 0.03 29.98 -2.99
CA PHE B 51 -1.35 30.44 -3.23
C PHE B 51 -2.05 30.63 -1.89
N GLU B 52 -3.16 31.34 -1.91
CA GLU B 52 -3.92 31.60 -0.69
C GLU B 52 -5.25 30.84 -0.74
N LEU B 53 -5.52 30.07 0.31
CA LEU B 53 -6.71 29.24 0.38
C LEU B 53 -7.88 30.09 0.88
N LEU B 54 -8.78 30.45 -0.03
CA LEU B 54 -9.95 31.27 0.31
C LEU B 54 -11.03 30.41 0.98
N GLU B 55 -11.33 29.26 0.36
CA GLU B 55 -12.39 28.38 0.83
C GLU B 55 -12.06 26.92 0.57
N GLY B 56 -12.30 26.07 1.56
CA GLY B 56 -12.14 24.61 1.42
C GLY B 56 -11.01 24.01 2.25
N THR B 57 -10.62 22.79 1.88
CA THR B 57 -9.64 22.03 2.65
C THR B 57 -8.64 21.27 1.75
N VAL B 58 -7.35 21.47 2.01
CA VAL B 58 -6.26 20.83 1.25
C VAL B 58 -5.42 19.96 2.16
N GLN B 59 -4.64 19.05 1.55
CA GLN B 59 -3.63 18.29 2.30
C GLN B 59 -2.27 18.42 1.61
N SER B 60 -1.24 18.71 2.40
CA SER B 60 0.11 18.88 1.90
C SER B 60 0.87 17.56 1.94
N MET B 61 1.50 17.20 0.81
CA MET B 61 2.31 16.00 0.72
C MET B 61 3.64 16.20 1.45
N TRP B 62 4.02 17.46 1.66
CA TRP B 62 5.24 17.81 2.37
C TRP B 62 4.95 19.04 3.24
N PRO B 63 4.44 18.83 4.47
CA PRO B 63 4.13 19.93 5.38
C PRO B 63 5.35 20.74 5.80
N ASP B 64 6.54 20.14 5.74
CA ASP B 64 7.80 20.86 6.02
C ASP B 64 8.49 21.34 4.73
N ALA B 65 7.71 21.58 3.68
CA ALA B 65 8.25 22.13 2.42
C ALA B 65 8.93 23.48 2.68
N PRO B 66 10.25 23.58 2.40
CA PRO B 66 10.97 24.83 2.71
C PRO B 66 10.52 26.05 1.91
N GLY B 67 9.82 25.82 0.80
CA GLY B 67 9.25 26.90 -0.02
C GLY B 67 8.25 27.79 0.71
N LEU B 68 7.60 27.24 1.74
CA LEU B 68 6.75 28.03 2.65
C LEU B 68 7.59 28.54 3.83
N SER B 69 7.72 29.86 3.91
CA SER B 69 8.49 30.52 4.96
C SER B 69 7.78 30.45 6.31
N SER B 70 8.53 30.72 7.38
CA SER B 70 7.94 30.82 8.72
C SER B 70 6.70 31.72 8.71
N ARG B 71 6.78 32.86 8.00
CA ARG B 71 5.70 33.84 7.99
C ARG B 71 4.46 33.34 7.26
N ASP B 72 4.63 32.85 6.04
CA ASP B 72 3.50 32.34 5.27
C ASP B 72 2.82 31.15 5.95
N ARG B 73 3.58 30.38 6.72
CA ARG B 73 3.02 29.27 7.50
C ARG B 73 2.04 29.75 8.57
N GLU B 74 2.47 30.76 9.34
CA GLU B 74 1.66 31.24 10.47
C GLU B 74 0.54 32.21 10.07
N LYS B 75 0.43 32.53 8.79
CA LYS B 75 -0.80 33.13 8.25
C LYS B 75 -1.88 32.04 8.18
N GLY B 76 -1.43 30.80 8.10
CA GLY B 76 -2.33 29.64 8.22
C GLY B 76 -3.03 29.26 6.93
N ASN B 77 -3.28 30.23 6.05
CA ASN B 77 -4.06 30.01 4.85
C ASN B 77 -3.25 30.18 3.55
N ARG B 78 -1.94 29.94 3.62
CA ARG B 78 -1.10 29.98 2.41
C ARG B 78 -0.34 28.69 2.23
N HIS B 79 -0.37 28.18 1.00
CA HIS B 79 0.20 26.87 0.69
C HIS B 79 0.87 26.85 -0.68
N LEU B 80 1.53 25.73 -0.97
CA LEU B 80 2.20 25.51 -2.24
C LEU B 80 1.31 24.62 -3.10
N ALA B 81 0.95 25.11 -4.28
CA ALA B 81 0.08 24.35 -5.19
C ALA B 81 0.69 23.01 -5.63
N CYS B 82 2.02 22.94 -5.68
CA CYS B 82 2.70 21.75 -6.16
C CYS B 82 2.75 20.64 -5.10
N GLN B 83 2.47 21.01 -3.85
CA GLN B 83 2.51 20.09 -2.72
C GLN B 83 1.13 19.73 -2.20
N CYS B 84 0.09 20.38 -2.70
CA CYS B 84 -1.23 20.26 -2.11
C CYS B 84 -2.22 19.54 -3.01
N ILE B 85 -2.94 18.60 -2.41
CA ILE B 85 -4.05 17.92 -3.05
C ILE B 85 -5.33 18.41 -2.36
N ALA B 86 -6.46 18.29 -3.07
CA ALA B 86 -7.74 18.81 -2.57
C ALA B 86 -8.57 17.78 -1.82
N LEU B 87 -9.37 18.24 -0.86
CA LEU B 87 -10.30 17.38 -0.10
C LEU B 87 -11.74 17.91 -0.05
N SER B 88 -11.98 19.02 -0.75
CA SER B 88 -13.33 19.57 -0.93
C SER B 88 -13.29 20.41 -2.20
N ASP B 89 -14.42 21.00 -2.58
CA ASP B 89 -14.39 22.05 -3.58
C ASP B 89 -13.54 23.17 -3.00
N LEU B 90 -12.83 23.89 -3.87
CA LEU B 90 -11.88 24.90 -3.42
C LEU B 90 -12.03 26.24 -4.12
N ARG B 91 -11.71 27.30 -3.40
CA ARG B 91 -11.44 28.61 -4.00
C ARG B 91 -10.04 29.01 -3.58
N ILE B 92 -9.21 29.39 -4.54
CA ILE B 92 -7.89 29.91 -4.20
C ILE B 92 -7.60 31.23 -4.91
N LYS B 93 -6.56 31.89 -4.43
CA LYS B 93 -6.13 33.18 -4.96
C LYS B 93 -4.64 33.06 -5.28
N VAL B 94 -4.31 33.31 -6.53
CA VAL B 94 -2.96 33.08 -7.05
C VAL B 94 -2.80 33.96 -8.29
N ALA B 95 -1.57 34.37 -8.59
CA ALA B 95 -1.35 35.30 -9.71
C ALA B 95 -1.00 34.55 -10.98
N VAL B 96 -2.02 34.13 -11.73
CA VAL B 96 -1.78 33.37 -12.96
C VAL B 96 -1.19 34.32 -14.01
N GLN B 97 -0.27 33.80 -14.80
CA GLN B 97 0.40 34.57 -15.85
C GLN B 97 0.54 33.69 -17.07
N ASP B 98 0.72 34.28 -18.25
CA ASP B 98 0.73 33.51 -19.49
C ASP B 98 2.04 32.73 -19.70
N LYS B 99 3.15 33.22 -19.16
CA LYS B 99 4.44 32.53 -19.28
C LYS B 99 4.41 31.10 -18.70
N TYR B 100 3.52 30.85 -17.74
CA TYR B 100 3.37 29.53 -17.13
C TYR B 100 2.28 28.66 -17.77
N ILE B 101 1.57 29.19 -18.76
CA ILE B 101 0.61 28.37 -19.52
C ILE B 101 1.41 27.31 -20.27
N PRO B 102 1.07 26.02 -20.10
CA PRO B 102 1.82 24.96 -20.77
C PRO B 102 1.92 25.11 -22.28
N ALA B 103 3.16 25.21 -22.77
CA ALA B 103 3.46 25.26 -24.20
C ALA B 103 2.87 24.04 -24.89
N ILE B 104 3.21 22.87 -24.37
CA ILE B 104 2.64 21.62 -24.82
C ILE B 104 1.73 21.11 -23.70
N PRO B 105 0.45 20.86 -24.02
CA PRO B 105 -0.49 20.32 -23.04
C PRO B 105 0.12 19.16 -22.25
N ILE B 106 0.00 19.19 -20.92
CA ILE B 106 0.60 18.16 -20.09
C ILE B 106 -0.40 17.01 -19.87
N SER B 107 0.11 15.82 -19.58
CA SER B 107 -0.74 14.66 -19.26
C SER B 107 0.03 13.63 -18.45
N LYS B 108 -0.69 12.72 -17.81
CA LYS B 108 -0.08 11.60 -17.10
C LYS B 108 -0.14 10.33 -17.93
N MET B 109 1.01 9.93 -18.45
CA MET B 109 1.12 8.79 -19.34
C MET B 109 1.84 7.65 -18.61
N GLU B 110 1.28 6.45 -18.74
CA GLU B 110 1.96 5.25 -18.25
C GLU B 110 3.11 4.94 -19.21
N ALA B 111 4.29 4.73 -18.64
CA ALA B 111 5.49 4.43 -19.42
C ALA B 111 6.15 3.14 -18.94
N GLU B 112 6.94 2.50 -19.82
CA GLU B 112 7.66 1.28 -19.47
C GLU B 112 9.17 1.48 -19.69
N VAL B 113 9.98 1.05 -18.72
CA VAL B 113 11.43 1.12 -18.83
C VAL B 113 11.89 0.17 -19.93
N VAL B 114 12.51 0.73 -20.96
CA VAL B 114 12.83 -0.02 -22.17
C VAL B 114 14.35 -0.10 -22.42
N ALA B 115 15.14 0.66 -21.66
CA ALA B 115 16.59 0.66 -21.79
C ALA B 115 17.26 1.33 -20.61
N VAL B 116 18.38 0.77 -20.16
CA VAL B 116 19.16 1.34 -19.07
C VAL B 116 20.65 1.15 -19.37
N ARG B 117 21.42 2.20 -19.21
CA ARG B 117 22.79 2.27 -19.72
C ARG B 117 23.70 3.02 -18.75
N ALA B 118 24.93 2.53 -18.59
CA ALA B 118 25.95 3.24 -17.82
C ALA B 118 26.23 4.60 -18.45
N LEU B 119 26.48 5.62 -17.63
CA LEU B 119 26.67 6.97 -18.13
C LEU B 119 27.96 7.60 -17.62
N THR B 120 28.09 7.73 -16.30
CA THR B 120 29.32 8.18 -15.65
C THR B 120 29.55 7.34 -14.40
N HIS B 121 30.61 7.61 -13.66
CA HIS B 121 30.88 6.90 -12.40
C HIS B 121 29.66 6.95 -11.45
N ASP B 122 28.96 8.08 -11.44
CA ASP B 122 27.84 8.29 -10.50
C ASP B 122 26.44 8.29 -11.14
N LEU B 123 26.35 8.26 -12.47
CA LEU B 123 25.04 8.32 -13.15
C LEU B 123 24.72 7.13 -14.07
N LEU B 124 23.42 6.99 -14.32
CA LEU B 124 22.83 6.02 -15.25
C LEU B 124 21.85 6.75 -16.15
N SER B 125 21.75 6.34 -17.41
CA SER B 125 20.68 6.81 -18.28
C SER B 125 19.55 5.77 -18.31
N VAL B 126 18.30 6.24 -18.24
CA VAL B 126 17.12 5.37 -18.31
C VAL B 126 16.18 5.86 -19.38
N LYS B 127 15.79 4.98 -20.29
CA LYS B 127 14.86 5.30 -21.37
C LYS B 127 13.51 4.64 -21.12
N LEU B 128 12.45 5.45 -21.15
CA LEU B 128 11.08 4.97 -20.99
C LEU B 128 10.34 5.15 -22.29
N ARG B 129 9.33 4.31 -22.53
CA ARG B 129 8.51 4.42 -23.73
C ARG B 129 7.05 4.63 -23.37
N THR B 130 6.39 5.52 -24.12
CA THR B 130 4.96 5.77 -23.98
C THR B 130 4.25 5.52 -25.33
N ASP B 131 2.95 5.25 -25.26
CA ASP B 131 2.14 5.01 -26.47
C ASP B 131 1.92 6.31 -27.24
N VAL B 132 1.82 7.40 -26.49
CA VAL B 132 1.80 8.74 -27.08
C VAL B 132 3.20 9.14 -27.56
N PRO B 133 3.29 10.11 -28.49
CA PRO B 133 4.61 10.59 -28.89
C PRO B 133 5.25 11.45 -27.80
N ALA B 134 6.57 11.33 -27.66
CA ALA B 134 7.30 12.11 -26.68
C ALA B 134 7.48 13.53 -27.22
N ASN B 135 6.56 14.41 -26.83
CA ASN B 135 6.57 15.79 -27.30
C ASN B 135 6.91 16.74 -26.16
N PHE B 136 8.05 17.42 -26.27
CA PHE B 136 8.56 18.32 -25.25
C PHE B 136 9.69 19.20 -25.76
N LEU B 137 10.00 20.25 -25.02
CA LEU B 137 11.06 21.18 -25.40
C LEU B 137 12.35 20.87 -24.66
N PRO B 138 13.50 21.21 -25.27
CA PRO B 138 14.79 21.01 -24.59
C PRO B 138 14.86 21.82 -23.28
N GLY B 139 15.04 21.11 -22.16
CA GLY B 139 15.09 21.73 -20.84
C GLY B 139 13.86 21.49 -20.00
N GLN B 140 12.84 20.87 -20.58
CA GLN B 140 11.63 20.53 -19.85
C GLN B 140 11.83 19.29 -18.99
N PHE B 141 10.86 19.01 -18.13
CA PHE B 141 10.95 17.87 -17.22
C PHE B 141 9.61 17.16 -17.05
N CYS B 142 9.66 16.03 -16.36
CA CYS B 142 8.46 15.25 -16.05
C CYS B 142 8.47 14.92 -14.56
N LEU B 143 7.28 14.65 -14.02
CA LEU B 143 7.13 14.23 -12.64
C LEU B 143 6.88 12.73 -12.61
N ILE B 144 7.84 11.98 -12.07
CA ILE B 144 7.83 10.53 -12.15
C ILE B 144 7.35 9.93 -10.82
N GLU B 145 6.39 9.02 -10.90
CA GLU B 145 5.88 8.28 -9.76
C GLU B 145 5.89 6.81 -10.12
N ALA B 146 6.28 5.96 -9.17
CA ALA B 146 6.27 4.53 -9.38
C ALA B 146 4.98 3.89 -8.92
N GLU B 147 4.68 2.71 -9.45
CA GLU B 147 3.43 2.01 -9.16
C GLU B 147 3.31 1.59 -7.70
N GLN B 148 4.45 1.34 -7.06
CA GLN B 148 4.47 0.78 -5.70
C GLN B 148 4.69 1.81 -4.59
N LEU B 149 4.57 3.08 -4.92
CA LEU B 149 4.68 4.13 -3.90
C LEU B 149 3.87 5.38 -4.28
N PRO B 150 2.66 5.51 -3.71
CA PRO B 150 1.77 6.64 -3.94
C PRO B 150 2.15 7.86 -3.11
N GLY B 151 2.10 9.05 -3.73
CA GLY B 151 2.42 10.29 -3.03
C GLY B 151 3.89 10.70 -3.05
N VAL B 152 4.75 9.81 -3.53
CA VAL B 152 6.15 10.14 -3.78
C VAL B 152 6.35 10.37 -5.28
N VAL B 153 6.37 11.65 -5.65
CA VAL B 153 6.64 12.11 -6.99
C VAL B 153 7.95 12.89 -6.97
N ARG B 154 8.75 12.72 -8.02
CA ARG B 154 10.02 13.43 -8.15
C ARG B 154 10.19 13.95 -9.58
N ALA B 155 10.86 15.09 -9.72
CA ALA B 155 11.05 15.74 -11.01
C ALA B 155 12.36 15.32 -11.65
N TYR B 156 12.33 15.02 -12.95
CA TYR B 156 13.53 14.66 -13.69
C TYR B 156 13.56 15.31 -15.08
N SER B 157 14.65 16.01 -15.37
CA SER B 157 14.83 16.66 -16.67
C SER B 157 15.07 15.63 -17.76
N MET B 158 14.41 15.81 -18.91
CA MET B 158 14.66 14.92 -20.04
C MET B 158 16.05 15.19 -20.63
N ALA B 159 16.75 14.11 -21.01
CA ALA B 159 18.05 14.22 -21.65
C ALA B 159 17.98 14.17 -23.18
N ASN B 160 17.01 13.44 -23.73
CA ASN B 160 16.86 13.31 -25.20
C ASN B 160 16.03 14.45 -25.79
N SER B 161 15.70 14.35 -27.07
CA SER B 161 14.83 15.32 -27.74
C SER B 161 13.50 14.67 -28.12
N MET B 162 12.53 15.50 -28.53
CA MET B 162 11.20 15.01 -28.89
C MET B 162 11.25 14.07 -30.10
N ASN B 163 10.32 13.11 -30.11
CA ASN B 163 10.32 12.05 -31.11
C ASN B 163 8.94 11.37 -31.21
N PRO B 164 8.59 10.84 -32.39
CA PRO B 164 7.31 10.13 -32.52
C PRO B 164 7.31 8.74 -31.86
N ASP B 165 8.49 8.27 -31.45
CA ASP B 165 8.65 6.92 -30.90
C ASP B 165 8.20 6.79 -29.43
N GLY B 166 8.12 7.91 -28.74
CA GLY B 166 7.65 7.92 -27.34
C GLY B 166 8.73 7.66 -26.31
N PHE B 167 9.99 7.87 -26.66
CA PHE B 167 11.09 7.66 -25.73
C PHE B 167 11.34 8.92 -24.90
N TRP B 168 11.37 8.75 -23.58
CA TRP B 168 11.77 9.78 -22.65
C TRP B 168 12.99 9.26 -21.89
N GLU B 169 14.11 9.98 -21.96
CA GLU B 169 15.36 9.56 -21.33
C GLU B 169 15.72 10.44 -20.14
N PHE B 170 16.08 9.83 -19.02
CA PHE B 170 16.43 10.55 -17.80
C PHE B 170 17.76 10.06 -17.24
N TYR B 171 18.56 10.97 -16.68
CA TYR B 171 19.80 10.60 -16.02
C TYR B 171 19.57 10.52 -14.52
N ILE B 172 19.96 9.40 -13.92
CA ILE B 172 19.70 9.13 -12.52
C ILE B 172 20.97 8.58 -11.87
N LYS B 173 21.10 8.80 -10.58
CA LYS B 173 22.28 8.34 -9.85
C LYS B 173 22.14 6.87 -9.53
N ARG B 174 23.17 6.09 -9.89
CA ARG B 174 23.21 4.65 -9.58
C ARG B 174 23.15 4.33 -8.09
N VAL B 175 23.49 5.31 -7.25
CA VAL B 175 23.33 5.21 -5.80
C VAL B 175 22.11 6.01 -5.33
N PRO B 176 21.05 5.33 -4.86
CA PRO B 176 19.85 6.09 -4.42
C PRO B 176 20.14 6.93 -3.14
N PHE B 180 14.08 10.24 -1.08
CA PHE B 180 13.38 9.03 -1.46
C PHE B 180 12.72 9.21 -2.83
N SER B 181 13.05 8.32 -3.77
CA SER B 181 12.64 8.50 -5.17
C SER B 181 11.90 7.28 -5.74
N PRO B 182 11.28 7.45 -6.93
CA PRO B 182 10.55 6.36 -7.59
C PRO B 182 11.45 5.34 -8.30
N TRP B 183 12.76 5.53 -8.23
CA TRP B 183 13.70 4.59 -8.84
C TRP B 183 14.25 3.62 -7.80
N LEU B 184 13.37 2.77 -7.26
CA LEU B 184 13.79 1.58 -6.54
C LEU B 184 14.55 0.73 -7.55
N PHE B 185 15.43 -0.15 -7.10
CA PHE B 185 16.14 -1.03 -8.04
C PHE B 185 15.18 -1.95 -8.79
N GLU B 186 14.00 -2.18 -8.19
CA GLU B 186 12.89 -2.88 -8.84
C GLU B 186 12.43 -2.17 -10.11
N ASN B 187 12.50 -0.83 -10.12
CA ASN B 187 12.03 -0.01 -11.24
C ASN B 187 13.13 0.51 -12.18
N ARG B 188 14.39 0.26 -11.85
CA ARG B 188 15.51 0.64 -12.73
C ARG B 188 15.88 -0.55 -13.62
N LYS B 189 14.87 -1.18 -14.20
CA LYS B 189 15.13 -2.33 -15.03
C LYS B 189 14.06 -2.49 -16.08
N VAL B 190 14.47 -3.08 -17.20
CA VAL B 190 13.62 -3.23 -18.38
C VAL B 190 12.34 -3.95 -17.98
N GLY B 191 11.20 -3.36 -18.35
CA GLY B 191 9.90 -3.92 -18.00
C GLY B 191 9.19 -3.20 -16.85
N ALA B 192 9.94 -2.48 -16.03
CA ALA B 192 9.35 -1.71 -14.93
C ALA B 192 8.40 -0.66 -15.49
N ARG B 193 7.24 -0.51 -14.83
CA ARG B 193 6.26 0.50 -15.24
C ARG B 193 6.26 1.69 -14.29
N LEU B 194 6.26 2.89 -14.88
CA LEU B 194 6.23 4.14 -14.12
C LEU B 194 5.22 5.10 -14.76
N PHE B 195 4.99 6.22 -14.09
CA PHE B 195 4.08 7.24 -14.59
C PHE B 195 4.82 8.54 -14.84
N LEU B 196 4.55 9.18 -15.97
CA LEU B 196 5.12 10.48 -16.29
C LEU B 196 3.99 11.49 -16.42
N THR B 197 4.10 12.59 -15.68
CA THR B 197 3.21 13.72 -15.85
C THR B 197 4.03 14.82 -16.50
N GLY B 198 3.61 15.28 -17.67
CA GLY B 198 4.33 16.34 -18.34
C GLY B 198 4.03 16.55 -19.81
N PRO B 199 4.92 17.27 -20.51
CA PRO B 199 6.15 17.84 -19.95
C PRO B 199 5.90 19.07 -19.10
N MET B 200 6.88 19.44 -18.29
CA MET B 200 6.77 20.57 -17.38
C MET B 200 7.93 21.52 -17.62
N GLY B 201 7.82 22.73 -17.07
CA GLY B 201 8.93 23.66 -17.00
C GLY B 201 8.88 24.78 -18.01
N THR B 202 9.42 25.92 -17.62
CA THR B 202 9.49 27.12 -18.48
C THR B 202 10.95 27.54 -18.75
N SER B 203 11.90 26.73 -18.29
CA SER B 203 13.33 27.02 -18.42
C SER B 203 13.92 26.33 -19.65
N PHE B 204 13.10 26.11 -20.67
CA PHE B 204 13.55 25.45 -21.88
C PHE B 204 14.40 26.38 -22.75
N PHE B 205 15.05 25.81 -23.76
CA PHE B 205 15.94 26.54 -24.65
C PHE B 205 15.23 27.73 -25.31
N ARG B 206 15.92 28.86 -25.39
CA ARG B 206 15.41 30.03 -26.09
C ARG B 206 16.07 30.14 -27.46
N PRO B 207 15.29 29.94 -28.55
CA PRO B 207 15.86 30.18 -29.88
C PRO B 207 16.05 31.67 -30.19
N GLY B 208 16.99 31.98 -31.08
CA GLY B 208 17.15 33.33 -31.64
C GLY B 208 17.66 34.41 -30.71
N THR B 209 18.52 34.03 -29.77
CA THR B 209 19.16 34.98 -28.85
C THR B 209 20.45 35.54 -29.47
N GLY B 210 21.06 34.76 -30.36
CA GLY B 210 22.35 35.11 -30.93
C GLY B 210 23.45 35.18 -29.89
N ARG B 211 23.27 34.48 -28.77
CA ARG B 211 24.26 34.42 -27.71
C ARG B 211 24.86 33.02 -27.63
N LYS B 212 26.13 32.95 -27.26
CA LYS B 212 26.79 31.67 -27.03
C LYS B 212 26.12 31.02 -25.82
N SER B 213 25.69 29.77 -25.96
CA SER B 213 25.06 29.05 -24.84
C SER B 213 26.11 28.54 -23.87
N LEU B 214 25.82 28.64 -22.57
CA LEU B 214 26.67 28.08 -21.52
C LEU B 214 25.82 27.16 -20.66
N CYS B 215 26.24 25.90 -20.58
CA CYS B 215 25.47 24.85 -19.89
C CYS B 215 26.25 24.34 -18.69
N ILE B 216 25.57 24.25 -17.55
CA ILE B 216 26.20 23.83 -16.31
C ILE B 216 25.31 22.80 -15.63
N GLY B 217 25.76 21.54 -15.63
CA GLY B 217 25.01 20.43 -15.06
C GLY B 217 25.70 19.83 -13.85
N GLY B 218 25.01 19.80 -12.72
CA GLY B 218 25.53 19.17 -11.50
C GLY B 218 24.72 17.93 -11.17
N GLY B 219 25.40 16.81 -10.93
CA GLY B 219 24.72 15.55 -10.67
C GLY B 219 23.84 15.16 -11.84
N ALA B 220 22.59 14.80 -11.55
CA ALA B 220 21.62 14.42 -12.58
C ALA B 220 21.22 15.59 -13.47
N GLY B 221 21.44 16.81 -13.00
CA GLY B 221 21.21 18.01 -13.80
C GLY B 221 21.96 18.03 -15.13
N LEU B 222 22.89 17.08 -15.28
CA LEU B 222 23.58 16.84 -16.55
C LEU B 222 22.61 16.57 -17.72
N SER B 223 21.43 16.03 -17.43
CA SER B 223 20.43 15.75 -18.45
C SER B 223 19.87 17.03 -19.07
N TYR B 224 19.48 17.96 -18.20
CA TYR B 224 19.04 19.29 -18.61
C TYR B 224 20.12 19.94 -19.48
N ALA B 225 21.33 20.02 -18.92
CA ALA B 225 22.49 20.59 -19.61
C ALA B 225 22.70 19.91 -20.97
N ALA B 226 22.64 18.57 -20.97
CA ALA B 226 22.73 17.79 -22.20
C ALA B 226 21.65 18.20 -23.22
N ALA B 227 20.40 18.25 -22.77
CA ALA B 227 19.27 18.58 -23.65
C ALA B 227 19.38 19.99 -24.25
N ILE B 228 19.84 20.93 -23.44
CA ILE B 228 20.03 22.31 -23.88
C ILE B 228 21.21 22.43 -24.84
N ALA B 229 22.31 21.75 -24.52
CA ALA B 229 23.52 21.80 -25.34
C ALA B 229 23.24 21.32 -26.76
N ARG B 230 22.48 20.22 -26.87
CA ARG B 230 22.08 19.68 -28.16
C ARG B 230 21.25 20.68 -28.94
N ALA B 231 20.21 21.21 -28.31
CA ALA B 231 19.34 22.21 -28.94
C ALA B 231 20.14 23.41 -29.48
N SER B 232 21.21 23.76 -28.78
CA SER B 232 22.07 24.86 -29.21
C SER B 232 22.90 24.50 -30.45
N ILE B 233 23.34 23.26 -30.54
CA ILE B 233 24.04 22.76 -31.74
C ILE B 233 23.04 22.68 -32.90
N ARG B 234 21.88 22.08 -32.64
CA ARG B 234 20.71 22.09 -33.54
C ARG B 234 20.48 23.51 -34.10
N GLU B 235 20.74 24.53 -33.27
CA GLU B 235 20.56 25.92 -33.67
C GLU B 235 21.75 26.47 -34.47
N THR B 236 22.81 26.87 -33.77
CA THR B 236 23.87 27.69 -34.35
C THR B 236 25.00 26.83 -34.90
N ASP B 237 25.95 26.46 -34.03
CA ASP B 237 27.24 25.85 -34.39
C ASP B 237 28.32 26.26 -33.39
N VAL B 240 29.53 25.84 -28.02
CA VAL B 240 28.79 25.61 -26.79
C VAL B 240 29.67 25.04 -25.68
N LYS B 241 29.64 25.69 -24.51
CA LYS B 241 30.36 25.23 -23.33
C LYS B 241 29.47 24.33 -22.48
N LEU B 242 30.04 23.24 -21.95
CA LEU B 242 29.36 22.42 -20.97
C LEU B 242 30.27 22.17 -19.76
N PHE B 243 29.72 22.40 -18.56
CA PHE B 243 30.42 22.13 -17.32
C PHE B 243 29.64 21.09 -16.50
N TYR B 244 30.22 19.92 -16.28
CA TYR B 244 29.59 18.84 -15.51
C TYR B 244 30.15 18.77 -14.09
N GLY B 245 29.26 18.84 -13.10
CA GLY B 245 29.62 18.75 -11.70
C GLY B 245 29.17 17.43 -11.09
N SER B 246 30.08 16.76 -10.39
CA SER B 246 29.77 15.49 -9.72
C SER B 246 30.67 15.25 -8.51
N ARG B 247 30.32 14.22 -7.75
CA ARG B 247 31.08 13.82 -6.58
C ARG B 247 32.50 13.31 -6.90
N THR B 248 32.79 13.14 -8.19
CA THR B 248 34.05 12.55 -8.62
C THR B 248 34.26 12.71 -10.14
N PRO B 249 35.12 13.66 -10.55
CA PRO B 249 35.67 13.65 -11.92
C PRO B 249 36.73 12.59 -12.12
N TRP B 255 31.35 13.18 -23.95
CA TRP B 255 30.59 13.94 -24.93
C TRP B 255 29.58 13.04 -25.62
N ILE B 256 30.13 12.04 -26.31
CA ILE B 256 29.37 11.07 -27.07
C ILE B 256 28.67 10.27 -26.00
N ASP B 257 27.64 9.52 -26.37
CA ASP B 257 26.72 8.88 -25.44
C ASP B 257 25.54 9.85 -25.27
N ILE B 258 25.61 10.98 -25.97
CA ILE B 258 24.51 11.95 -25.98
C ILE B 258 24.36 12.57 -27.38
N ASP B 259 25.32 13.39 -27.80
CA ASP B 259 25.35 13.98 -29.15
C ASP B 259 26.69 14.65 -29.40
N GLU B 266 33.12 23.92 -25.84
CA GLU B 266 33.89 22.78 -25.36
C GLU B 266 33.38 22.28 -23.99
N VAL B 267 33.72 21.03 -23.68
CA VAL B 267 33.30 20.36 -22.44
C VAL B 267 34.35 20.56 -21.34
N VAL B 268 33.88 20.65 -20.10
CA VAL B 268 34.76 20.74 -18.93
C VAL B 268 34.10 19.99 -17.78
N GLN B 269 34.90 19.52 -16.82
CA GLN B 269 34.39 18.83 -15.63
C GLN B 269 34.92 19.42 -14.34
N ALA B 270 34.20 19.17 -13.24
CA ALA B 270 34.61 19.65 -11.93
C ALA B 270 33.77 19.08 -10.78
N VAL B 271 34.25 19.33 -9.56
CA VAL B 271 33.60 18.88 -8.33
C VAL B 271 32.39 19.75 -7.97
N THR B 272 31.34 19.13 -7.43
CA THR B 272 30.14 19.86 -6.97
C THR B 272 30.35 20.29 -5.50
N GLU B 273 30.97 19.39 -4.72
CA GLU B 273 31.64 19.72 -3.45
C GLU B 273 32.51 18.54 -3.02
N PHE B 285 31.69 23.28 -5.74
CA PHE B 285 32.77 24.14 -6.23
C PHE B 285 32.72 24.42 -7.75
N ILE B 286 31.89 23.68 -8.48
CA ILE B 286 31.79 23.83 -9.94
C ILE B 286 31.55 25.29 -10.37
N HIS B 287 30.84 26.06 -9.54
CA HIS B 287 30.58 27.47 -9.81
C HIS B 287 31.83 28.35 -9.86
N GLN B 288 32.93 27.86 -9.29
CA GLN B 288 34.21 28.58 -9.33
C GLN B 288 35.05 28.13 -10.52
N VAL B 289 34.81 26.91 -10.98
CA VAL B 289 35.43 26.42 -12.21
C VAL B 289 34.91 27.24 -13.39
N VAL B 290 33.59 27.45 -13.42
CA VAL B 290 32.98 28.31 -14.44
C VAL B 290 33.49 29.74 -14.26
N ASP B 291 33.65 30.17 -13.00
CA ASP B 291 34.18 31.51 -12.71
C ASP B 291 35.58 31.70 -13.29
N ALA B 292 36.55 30.92 -12.82
CA ALA B 292 37.95 31.10 -13.22
C ALA B 292 38.26 30.72 -14.67
N ALA B 293 37.34 30.01 -15.33
CA ALA B 293 37.52 29.63 -16.73
C ALA B 293 37.06 30.75 -17.66
N LEU B 294 35.88 31.30 -17.40
CA LEU B 294 35.30 32.36 -18.24
C LEU B 294 35.32 33.76 -17.61
N LEU B 295 35.70 33.85 -16.34
CA LEU B 295 35.98 35.11 -15.62
C LEU B 295 35.06 36.31 -15.96
N GLU B 296 35.42 37.12 -16.96
CA GLU B 296 34.64 38.34 -17.25
C GLU B 296 33.95 38.31 -18.62
N THR B 297 33.88 37.12 -19.21
CA THR B 297 33.12 36.91 -20.44
C THR B 297 31.70 36.39 -20.16
N LEU B 298 31.37 36.18 -18.88
CA LEU B 298 30.11 35.52 -18.52
C LEU B 298 28.84 36.23 -19.03
N PRO B 299 28.79 37.58 -19.01
CA PRO B 299 27.62 38.28 -19.58
C PRO B 299 27.38 38.10 -21.09
N GLU B 300 28.38 37.57 -21.81
CA GLU B 300 28.22 37.23 -23.23
C GLU B 300 27.18 36.13 -23.44
N TYR B 301 27.24 35.11 -22.58
CA TYR B 301 26.51 33.87 -22.79
C TYR B 301 25.08 33.93 -22.25
N GLU B 302 24.17 33.21 -22.94
CA GLU B 302 22.90 32.80 -22.37
C GLU B 302 23.18 31.55 -21.54
N ILE B 303 22.72 31.52 -20.29
CA ILE B 303 23.16 30.49 -19.36
C ILE B 303 22.02 29.58 -18.91
N TYR B 304 22.26 28.27 -19.05
CA TYR B 304 21.31 27.24 -18.68
C TYR B 304 21.96 26.33 -17.65
N LEU B 305 21.41 26.25 -16.45
CA LEU B 305 22.03 25.41 -15.45
C LEU B 305 21.05 24.61 -14.61
N ALA B 306 21.39 23.36 -14.37
CA ALA B 306 20.56 22.48 -13.56
C ALA B 306 21.45 21.70 -12.60
N GLY B 307 20.86 21.30 -11.49
CA GLY B 307 21.60 20.56 -10.49
C GLY B 307 20.90 20.63 -9.15
N PRO B 308 21.59 20.17 -8.09
CA PRO B 308 21.06 20.28 -6.75
C PRO B 308 20.91 21.76 -6.38
N PRO B 309 19.89 22.09 -5.59
CA PRO B 309 19.65 23.51 -5.27
C PRO B 309 20.86 24.23 -4.65
N PRO B 310 21.61 23.58 -3.74
CA PRO B 310 22.78 24.28 -3.20
C PRO B 310 23.83 24.69 -4.25
N MET B 311 24.01 23.87 -5.29
CA MET B 311 24.93 24.19 -6.38
C MET B 311 24.34 25.25 -7.31
N VAL B 312 23.04 25.16 -7.56
CA VAL B 312 22.36 26.13 -8.42
C VAL B 312 22.36 27.50 -7.74
N ASP B 313 21.97 27.52 -6.46
CA ASP B 313 22.05 28.72 -5.63
C ASP B 313 23.42 29.40 -5.74
N ALA B 314 24.48 28.65 -5.50
CA ALA B 314 25.83 29.19 -5.48
C ALA B 314 26.29 29.67 -6.86
N THR B 315 25.79 29.02 -7.91
CA THR B 315 26.23 29.31 -9.27
C THR B 315 25.62 30.60 -9.80
N VAL B 316 24.32 30.80 -9.61
CA VAL B 316 23.67 32.03 -10.10
C VAL B 316 24.21 33.26 -9.37
N ARG B 317 24.45 33.12 -8.06
CA ARG B 317 25.08 34.19 -7.28
C ARG B 317 26.42 34.56 -7.92
N MET B 318 27.22 33.56 -8.26
CA MET B 318 28.49 33.81 -8.96
C MET B 318 28.23 34.53 -10.28
N LEU B 319 27.23 34.07 -11.04
CA LEU B 319 26.91 34.69 -12.33
C LEU B 319 26.48 36.15 -12.16
N LEU B 320 25.51 36.38 -11.28
CA LEU B 320 25.01 37.73 -10.99
C LEU B 320 26.13 38.64 -10.49
N GLY B 321 26.98 38.11 -9.61
CA GLY B 321 28.17 38.82 -9.15
C GLY B 321 29.12 39.24 -10.27
N LYS B 322 29.00 38.60 -11.42
CA LYS B 322 29.77 38.93 -12.62
C LYS B 322 29.05 39.90 -13.55
N GLY B 323 27.84 40.31 -13.19
CA GLY B 323 27.05 41.21 -14.01
C GLY B 323 26.31 40.56 -15.15
N VAL B 324 26.06 39.25 -15.05
CA VAL B 324 25.22 38.55 -16.02
C VAL B 324 23.78 39.02 -15.83
N PRO B 325 23.14 39.54 -16.90
CA PRO B 325 21.73 39.88 -16.82
C PRO B 325 20.91 38.71 -16.32
N ARG B 326 20.08 38.93 -15.30
CA ARG B 326 19.25 37.88 -14.70
C ARG B 326 18.34 37.19 -15.72
N ASP B 327 17.82 37.95 -16.69
CA ASP B 327 16.94 37.41 -17.72
C ASP B 327 17.64 36.42 -18.66
N GLN B 328 18.97 36.36 -18.57
CA GLN B 328 19.80 35.44 -19.36
C GLN B 328 20.20 34.17 -18.61
N ILE B 329 19.61 33.94 -17.44
CA ILE B 329 19.92 32.75 -16.61
C ILE B 329 18.67 31.87 -16.46
N HIS B 330 18.73 30.67 -17.01
CA HIS B 330 17.63 29.72 -16.89
C HIS B 330 18.10 28.56 -16.03
N PHE B 331 17.26 28.13 -15.10
CA PHE B 331 17.64 27.03 -14.22
C PHE B 331 16.44 26.22 -13.75
N ASP B 332 16.74 24.98 -13.35
CA ASP B 332 15.78 24.11 -12.72
C ASP B 332 16.50 23.39 -11.61
N ALA B 333 16.06 23.64 -10.38
CA ALA B 333 16.61 23.00 -9.22
C ALA B 333 15.47 22.23 -8.57
N PHE B 334 15.61 20.92 -8.50
CA PHE B 334 14.57 20.06 -7.96
C PHE B 334 14.89 19.64 -6.53
N PHE B 335 13.86 19.49 -5.71
CA PHE B 335 14.02 19.14 -4.30
C PHE B 335 13.53 17.72 -4.02
N HIS C 2 -7.56 -1.68 6.18
CA HIS C 2 -6.10 -1.32 5.97
C HIS C 2 -5.90 0.14 5.54
N HIS C 3 -6.75 0.60 4.63
CA HIS C 3 -6.87 2.01 4.25
C HIS C 3 -8.36 2.32 4.38
N HIS C 4 -8.72 3.59 4.56
CA HIS C 4 -10.14 3.94 4.64
C HIS C 4 -10.85 3.65 3.30
N HIS C 5 -12.13 3.30 3.39
CA HIS C 5 -13.00 3.19 2.21
C HIS C 5 -14.31 3.92 2.47
N HIS C 6 -15.06 4.23 1.41
CA HIS C 6 -16.34 4.91 1.54
C HIS C 6 -17.49 4.03 1.11
N HIS C 7 -18.69 4.37 1.57
CA HIS C 7 -19.90 3.66 1.18
C HIS C 7 -20.94 4.64 0.65
N TYR C 8 -21.32 4.44 -0.61
CA TYR C 8 -22.32 5.26 -1.28
C TYR C 8 -23.54 4.41 -1.61
N GLN C 9 -24.73 5.02 -1.58
CA GLN C 9 -25.97 4.32 -1.91
C GLN C 9 -26.01 4.01 -3.41
N LEU C 10 -26.43 2.78 -3.75
CA LEU C 10 -26.50 2.33 -5.13
C LEU C 10 -27.96 2.14 -5.52
N LYS C 11 -28.39 2.87 -6.55
CA LYS C 11 -29.75 2.82 -7.03
C LYS C 11 -29.80 2.21 -8.42
N ILE C 12 -30.35 1.00 -8.49
CA ILE C 12 -30.48 0.24 -9.73
C ILE C 12 -31.89 0.52 -10.26
N GLU C 13 -31.99 1.20 -11.39
CA GLU C 13 -33.30 1.63 -11.90
C GLU C 13 -34.22 0.42 -12.03
N GLY C 14 -35.36 0.48 -11.32
CA GLY C 14 -36.36 -0.59 -11.31
C GLY C 14 -36.29 -1.47 -10.08
N GLN C 15 -35.50 -1.08 -9.08
CA GLN C 15 -35.20 -1.94 -7.94
C GLN C 15 -35.07 -1.16 -6.63
N ALA C 16 -35.07 -1.90 -5.52
CA ALA C 16 -35.02 -1.28 -4.18
C ALA C 16 -33.67 -0.67 -3.86
N PRO C 17 -33.65 0.40 -3.04
CA PRO C 17 -32.40 1.06 -2.64
C PRO C 17 -31.32 0.08 -2.16
N GLY C 18 -30.07 0.34 -2.54
CA GLY C 18 -28.94 -0.54 -2.20
C GLY C 18 -27.70 0.22 -1.78
N THR C 19 -26.56 -0.45 -1.75
CA THR C 19 -25.29 0.17 -1.34
C THR C 19 -24.12 -0.25 -2.20
N CYS C 20 -23.09 0.60 -2.23
CA CYS C 20 -21.81 0.27 -2.85
C CYS C 20 -20.69 0.98 -2.11
N GLY C 21 -19.45 0.81 -2.57
CA GLY C 21 -18.30 1.38 -1.88
C GLY C 21 -17.11 1.66 -2.79
N SER C 22 -16.10 2.30 -2.22
CA SER C 22 -14.87 2.63 -2.94
C SER C 22 -13.89 1.46 -3.00
N ASP C 23 -14.23 0.36 -2.33
CA ASP C 23 -13.31 -0.77 -2.14
C ASP C 23 -13.61 -1.91 -3.12
N LYS C 24 -14.87 -2.31 -3.20
CA LYS C 24 -15.29 -3.40 -4.09
C LYS C 24 -15.89 -2.85 -5.39
N SER C 25 -16.03 -3.73 -6.38
CA SER C 25 -16.68 -3.39 -7.65
C SER C 25 -18.19 -3.24 -7.43
N LEU C 26 -18.88 -2.66 -8.40
CA LEU C 26 -20.34 -2.57 -8.36
C LEU C 26 -20.95 -3.96 -8.34
N LEU C 27 -20.37 -4.85 -9.14
CA LEU C 27 -20.81 -6.23 -9.21
C LEU C 27 -20.89 -6.87 -7.81
N VAL C 28 -19.75 -7.02 -7.13
CA VAL C 28 -19.76 -7.73 -5.84
C VAL C 28 -20.55 -6.93 -4.80
N SER C 29 -20.59 -5.60 -4.95
CA SER C 29 -21.50 -4.76 -4.18
C SER C 29 -22.94 -5.22 -4.38
N ALA C 30 -23.40 -5.25 -5.64
CA ALA C 30 -24.76 -5.64 -5.97
C ALA C 30 -25.08 -7.05 -5.46
N LEU C 31 -24.13 -7.96 -5.60
CA LEU C 31 -24.31 -9.36 -5.17
C LEU C 31 -24.22 -9.52 -3.64
N ALA C 32 -23.49 -8.62 -2.98
CA ALA C 32 -23.43 -8.60 -1.52
C ALA C 32 -24.81 -8.34 -0.92
N ASN C 33 -25.61 -7.50 -1.58
CA ASN C 33 -26.99 -7.24 -1.16
C ASN C 33 -28.03 -8.09 -1.88
N GLY C 34 -27.58 -9.16 -2.55
CA GLY C 34 -28.48 -10.14 -3.15
C GLY C 34 -29.20 -9.72 -4.42
N ILE C 35 -28.73 -8.67 -5.08
CA ILE C 35 -29.33 -8.24 -6.34
C ILE C 35 -28.67 -9.02 -7.48
N GLY C 36 -29.47 -9.59 -8.37
CA GLY C 36 -28.97 -10.46 -9.44
C GLY C 36 -28.41 -9.73 -10.66
N LEU C 37 -27.41 -8.90 -10.42
CA LEU C 37 -26.66 -8.20 -11.47
C LEU C 37 -26.05 -9.27 -12.40
N PRO C 38 -26.31 -9.19 -13.73
CA PRO C 38 -25.75 -10.21 -14.61
C PRO C 38 -24.23 -10.18 -14.73
N TYR C 39 -23.60 -11.35 -14.76
CA TYR C 39 -22.15 -11.48 -14.88
C TYR C 39 -21.77 -12.87 -15.31
N GLU C 40 -20.52 -13.03 -15.72
CA GLU C 40 -19.91 -14.35 -15.92
C GLU C 40 -18.48 -14.34 -15.41
N CYS C 41 -17.62 -13.59 -16.10
CA CYS C 41 -16.19 -13.77 -15.91
C CYS C 41 -15.68 -12.97 -14.73
N ALA C 42 -16.42 -11.94 -14.32
CA ALA C 42 -16.04 -11.06 -13.21
C ALA C 42 -14.63 -10.47 -13.36
N SER C 43 -14.07 -10.55 -14.57
CA SER C 43 -12.71 -10.11 -14.83
C SER C 43 -12.58 -9.28 -16.12
N GLY C 44 -13.66 -8.62 -16.53
CA GLY C 44 -13.60 -7.56 -17.54
C GLY C 44 -13.52 -7.96 -19.00
N GLY C 45 -13.74 -9.23 -19.31
CA GLY C 45 -13.53 -9.74 -20.67
C GLY C 45 -14.73 -10.30 -21.41
N CYS C 46 -15.78 -10.71 -20.70
CA CYS C 46 -16.95 -11.30 -21.35
C CYS C 46 -18.00 -10.25 -21.71
N GLY C 47 -18.16 -9.24 -20.87
CA GLY C 47 -19.04 -8.11 -21.18
C GLY C 47 -20.49 -8.27 -20.73
N VAL C 48 -20.79 -9.32 -19.99
CA VAL C 48 -22.16 -9.58 -19.54
C VAL C 48 -22.66 -8.57 -18.48
N CYS C 49 -21.73 -7.96 -17.73
CA CYS C 49 -22.08 -7.08 -16.62
C CYS C 49 -22.25 -5.61 -17.00
N LYS C 50 -22.23 -5.32 -18.30
CA LYS C 50 -22.42 -3.96 -18.81
C LYS C 50 -23.61 -3.26 -18.16
N PHE C 51 -23.47 -1.97 -17.90
CA PHE C 51 -24.55 -1.16 -17.34
C PHE C 51 -24.46 0.28 -17.86
N GLU C 52 -25.60 0.98 -17.84
CA GLU C 52 -25.65 2.38 -18.26
C GLU C 52 -25.52 3.24 -17.01
N LEU C 53 -24.55 4.15 -17.03
CA LEU C 53 -24.35 5.06 -15.91
C LEU C 53 -25.22 6.30 -16.11
N LEU C 54 -26.30 6.37 -15.33
CA LEU C 54 -27.26 7.46 -15.43
C LEU C 54 -26.80 8.65 -14.60
N GLU C 55 -26.57 8.41 -13.30
CA GLU C 55 -26.10 9.47 -12.40
C GLU C 55 -24.93 9.00 -11.52
N GLY C 56 -24.01 9.91 -11.24
CA GLY C 56 -22.84 9.63 -10.42
C GLY C 56 -21.57 9.43 -11.23
N THR C 57 -20.49 9.10 -10.54
CA THR C 57 -19.17 8.96 -11.16
C THR C 57 -18.50 7.66 -10.68
N VAL C 58 -17.78 7.01 -11.60
CA VAL C 58 -17.05 5.78 -11.30
C VAL C 58 -15.63 5.88 -11.85
N GLN C 59 -14.74 5.01 -11.39
CA GLN C 59 -13.42 4.85 -12.00
C GLN C 59 -13.23 3.38 -12.36
N SER C 60 -12.67 3.13 -13.55
CA SER C 60 -12.47 1.77 -14.03
C SER C 60 -11.17 1.16 -13.50
N MET C 61 -11.23 -0.13 -13.17
CA MET C 61 -10.04 -0.90 -12.80
C MET C 61 -9.21 -1.28 -14.04
N TRP C 62 -9.83 -1.26 -15.21
CA TRP C 62 -9.17 -1.65 -16.47
C TRP C 62 -9.88 -0.99 -17.67
N PRO C 63 -9.36 0.18 -18.13
CA PRO C 63 -9.96 0.92 -19.24
C PRO C 63 -9.95 0.18 -20.59
N ASP C 64 -8.89 -0.56 -20.86
CA ASP C 64 -8.75 -1.29 -22.14
C ASP C 64 -9.47 -2.64 -22.10
N ALA C 65 -10.27 -2.88 -21.06
CA ALA C 65 -10.96 -4.16 -20.87
C ALA C 65 -11.77 -4.57 -22.09
N PRO C 66 -11.38 -5.67 -22.77
CA PRO C 66 -12.07 -6.15 -23.97
C PRO C 66 -13.51 -6.65 -23.76
N GLY C 67 -13.97 -6.71 -22.51
CA GLY C 67 -15.38 -6.96 -22.23
C GLY C 67 -16.26 -5.89 -22.86
N LEU C 68 -15.87 -4.63 -22.69
CA LEU C 68 -16.60 -3.50 -23.26
C LEU C 68 -16.05 -3.15 -24.64
N SER C 69 -16.93 -3.14 -25.64
CA SER C 69 -16.54 -3.07 -27.05
C SER C 69 -15.99 -1.70 -27.49
N SER C 70 -15.31 -1.71 -28.65
CA SER C 70 -14.72 -0.52 -29.27
C SER C 70 -15.73 0.60 -29.56
N ARG C 71 -16.97 0.21 -29.76
CA ARG C 71 -18.06 1.13 -30.07
C ARG C 71 -18.80 1.61 -28.81
N ASP C 72 -18.85 0.75 -27.79
CA ASP C 72 -19.44 1.11 -26.50
C ASP C 72 -18.49 1.97 -25.67
N ARG C 73 -17.18 1.74 -25.82
CA ARG C 73 -16.16 2.56 -25.16
C ARG C 73 -16.12 3.96 -25.79
N GLU C 74 -16.81 4.11 -26.93
CA GLU C 74 -16.97 5.37 -27.63
C GLU C 74 -18.13 6.20 -27.08
N LYS C 75 -19.04 5.53 -26.36
CA LYS C 75 -20.23 6.19 -25.81
C LYS C 75 -19.89 7.04 -24.58
N GLY C 76 -19.23 6.44 -23.60
CA GLY C 76 -19.00 7.10 -22.30
C GLY C 76 -20.12 6.78 -21.31
N ASN C 77 -21.28 6.39 -21.85
CA ASN C 77 -22.43 6.00 -21.04
C ASN C 77 -22.20 4.65 -20.35
N ARG C 78 -21.74 3.66 -21.12
CA ARG C 78 -21.71 2.27 -20.67
C ARG C 78 -20.37 1.85 -20.05
N HIS C 79 -20.44 0.97 -19.05
CA HIS C 79 -19.28 0.45 -18.33
C HIS C 79 -19.53 -0.99 -17.88
N LEU C 80 -18.48 -1.63 -17.34
CA LEU C 80 -18.58 -2.99 -16.79
C LEU C 80 -18.62 -2.95 -15.27
N ALA C 81 -19.60 -3.62 -14.67
CA ALA C 81 -19.77 -3.62 -13.20
C ALA C 81 -18.63 -4.33 -12.45
N CYS C 82 -18.02 -5.34 -13.08
CA CYS C 82 -16.92 -6.07 -12.47
C CYS C 82 -15.60 -5.30 -12.46
N GLN C 83 -15.55 -4.18 -13.19
CA GLN C 83 -14.35 -3.35 -13.26
C GLN C 83 -14.51 -1.97 -12.62
N CYS C 84 -15.72 -1.64 -12.19
CA CYS C 84 -16.03 -0.28 -11.75
C CYS C 84 -16.34 -0.16 -10.26
N ILE C 85 -15.67 0.80 -9.62
CA ILE C 85 -15.97 1.18 -8.24
C ILE C 85 -16.64 2.56 -8.26
N ALA C 86 -17.46 2.82 -7.25
CA ALA C 86 -18.24 4.05 -7.17
C ALA C 86 -17.44 5.14 -6.46
N LEU C 87 -17.61 6.39 -6.93
CA LEU C 87 -17.00 7.55 -6.28
C LEU C 87 -18.06 8.50 -5.72
N SER C 88 -19.32 8.08 -5.82
CA SER C 88 -20.46 8.85 -5.35
C SER C 88 -21.62 7.90 -5.22
N ASP C 89 -22.75 8.39 -4.75
CA ASP C 89 -23.99 7.62 -4.82
C ASP C 89 -24.30 7.47 -6.32
N LEU C 90 -24.80 6.31 -6.73
CA LEU C 90 -24.99 6.04 -8.15
C LEU C 90 -26.41 5.66 -8.54
N ARG C 91 -26.76 5.97 -9.78
CA ARG C 91 -27.98 5.52 -10.42
C ARG C 91 -27.56 4.82 -11.72
N ILE C 92 -27.90 3.55 -11.85
CA ILE C 92 -27.58 2.77 -13.05
C ILE C 92 -28.78 1.96 -13.52
N LYS C 93 -28.87 1.71 -14.83
CA LYS C 93 -29.86 0.80 -15.40
C LYS C 93 -29.19 -0.50 -15.78
N VAL C 94 -29.76 -1.62 -15.34
CA VAL C 94 -29.24 -2.95 -15.69
C VAL C 94 -30.36 -4.00 -15.57
N ALA C 95 -30.34 -4.96 -16.48
CA ALA C 95 -31.35 -6.02 -16.52
C ALA C 95 -31.04 -7.09 -15.48
N VAL C 96 -31.49 -6.88 -14.23
CA VAL C 96 -31.21 -7.85 -13.17
C VAL C 96 -32.11 -9.08 -13.34
N GLN C 97 -31.54 -10.25 -13.15
CA GLN C 97 -32.26 -11.50 -13.28
C GLN C 97 -32.11 -12.31 -12.00
N ASP C 98 -33.07 -13.20 -11.75
CA ASP C 98 -33.03 -14.02 -10.54
C ASP C 98 -31.91 -15.06 -10.60
N LYS C 99 -31.60 -15.55 -11.80
CA LYS C 99 -30.58 -16.59 -11.97
C LYS C 99 -29.14 -16.14 -11.67
N TYR C 100 -28.95 -14.89 -11.26
CA TYR C 100 -27.64 -14.38 -10.81
C TYR C 100 -27.59 -14.07 -9.32
N ILE C 101 -28.72 -14.22 -8.63
CA ILE C 101 -28.76 -14.07 -7.18
C ILE C 101 -27.86 -15.15 -6.57
N PRO C 102 -26.92 -14.77 -5.67
CA PRO C 102 -26.03 -15.78 -5.14
C PRO C 102 -26.73 -16.92 -4.43
N ALA C 103 -26.45 -18.15 -4.90
CA ALA C 103 -26.94 -19.36 -4.26
C ALA C 103 -26.41 -19.48 -2.84
N ILE C 104 -25.17 -18.99 -2.66
CA ILE C 104 -24.52 -18.93 -1.36
C ILE C 104 -24.04 -17.49 -1.14
N PRO C 105 -24.38 -16.88 0.01
CA PRO C 105 -24.00 -15.49 0.28
C PRO C 105 -22.50 -15.16 0.10
N ILE C 106 -22.24 -14.09 -0.65
CA ILE C 106 -20.90 -13.64 -0.99
C ILE C 106 -20.28 -12.92 0.21
N SER C 107 -18.96 -13.04 0.34
CA SER C 107 -18.19 -12.30 1.35
C SER C 107 -16.72 -12.25 0.99
N LYS C 108 -16.04 -11.21 1.45
CA LYS C 108 -14.58 -11.11 1.35
C LYS C 108 -14.02 -11.72 2.62
N MET C 109 -13.04 -12.61 2.47
CA MET C 109 -12.46 -13.30 3.61
C MET C 109 -10.95 -13.42 3.50
N GLU C 110 -10.30 -12.97 4.56
CA GLU C 110 -8.88 -13.18 4.81
C GLU C 110 -8.54 -14.66 4.79
N ALA C 111 -7.53 -15.03 4.02
CA ALA C 111 -7.11 -16.42 3.92
C ALA C 111 -5.59 -16.54 3.95
N GLU C 112 -5.10 -17.57 4.66
CA GLU C 112 -3.68 -17.86 4.75
C GLU C 112 -3.35 -19.09 3.91
N VAL C 113 -2.32 -18.98 3.07
CA VAL C 113 -1.83 -20.09 2.27
C VAL C 113 -1.29 -21.18 3.22
N VAL C 114 -1.81 -22.40 3.07
CA VAL C 114 -1.46 -23.49 3.96
C VAL C 114 -0.76 -24.64 3.20
N ALA C 115 -1.04 -24.78 1.90
CA ALA C 115 -0.40 -25.82 1.08
C ALA C 115 -0.09 -25.35 -0.33
N VAL C 116 1.10 -25.69 -0.82
CA VAL C 116 1.50 -25.45 -2.20
C VAL C 116 2.15 -26.71 -2.79
N ARG C 117 1.53 -27.26 -3.84
CA ARG C 117 2.07 -28.41 -4.55
C ARG C 117 2.25 -28.08 -6.02
N ALA C 118 3.19 -28.79 -6.65
CA ALA C 118 3.30 -28.80 -8.10
C ALA C 118 2.50 -29.96 -8.66
N LEU C 119 1.53 -29.65 -9.51
CA LEU C 119 0.74 -30.66 -10.20
C LEU C 119 1.45 -31.12 -11.45
N THR C 120 1.95 -30.15 -12.21
CA THR C 120 2.63 -30.41 -13.47
C THR C 120 3.73 -29.40 -13.66
N HIS C 121 4.39 -29.47 -14.80
CA HIS C 121 5.44 -28.51 -15.16
C HIS C 121 4.97 -27.06 -15.01
N ASP C 122 3.76 -26.76 -15.46
CA ASP C 122 3.26 -25.38 -15.46
C ASP C 122 2.14 -25.09 -14.47
N LEU C 123 1.57 -26.10 -13.82
CA LEU C 123 0.50 -25.87 -12.84
C LEU C 123 0.93 -26.04 -11.39
N LEU C 124 0.44 -25.15 -10.55
CA LEU C 124 0.66 -25.18 -9.12
C LEU C 124 -0.69 -25.22 -8.41
N SER C 125 -0.81 -26.07 -7.40
CA SER C 125 -1.98 -26.07 -6.54
C SER C 125 -1.67 -25.24 -5.33
N VAL C 126 -2.59 -24.36 -4.95
CA VAL C 126 -2.46 -23.57 -3.73
C VAL C 126 -3.73 -23.74 -2.90
N LYS C 127 -3.57 -24.20 -1.67
CA LYS C 127 -4.68 -24.39 -0.75
C LYS C 127 -4.57 -23.33 0.36
N LEU C 128 -5.67 -22.60 0.56
CA LEU C 128 -5.75 -21.55 1.55
C LEU C 128 -6.74 -21.93 2.63
N ARG C 129 -6.53 -21.41 3.84
CA ARG C 129 -7.48 -21.57 4.93
C ARG C 129 -8.14 -20.23 5.26
N THR C 130 -9.44 -20.24 5.46
CA THR C 130 -10.18 -19.10 5.98
C THR C 130 -10.70 -19.45 7.37
N ASP C 131 -11.07 -18.41 8.12
CA ASP C 131 -11.65 -18.57 9.44
C ASP C 131 -13.09 -19.11 9.39
N VAL C 132 -13.76 -18.90 8.27
CA VAL C 132 -15.13 -19.40 8.05
C VAL C 132 -15.08 -20.69 7.22
N PRO C 133 -16.13 -21.53 7.32
CA PRO C 133 -16.15 -22.76 6.54
C PRO C 133 -16.15 -22.48 5.03
N ALA C 134 -15.52 -23.38 4.27
CA ALA C 134 -15.49 -23.26 2.83
C ALA C 134 -16.82 -23.76 2.26
N ASN C 135 -17.76 -22.85 2.12
CA ASN C 135 -19.09 -23.15 1.62
C ASN C 135 -19.22 -22.64 0.19
N PHE C 136 -19.13 -23.56 -0.77
CA PHE C 136 -19.28 -23.22 -2.19
C PHE C 136 -19.81 -24.42 -2.96
N LEU C 137 -20.34 -24.16 -4.15
CA LEU C 137 -20.84 -25.23 -5.01
C LEU C 137 -19.77 -25.62 -6.04
N PRO C 138 -19.74 -26.90 -6.43
CA PRO C 138 -18.69 -27.29 -7.38
C PRO C 138 -18.81 -26.52 -8.68
N GLY C 139 -17.71 -25.96 -9.15
CA GLY C 139 -17.68 -25.16 -10.38
C GLY C 139 -17.74 -23.65 -10.15
N GLN C 140 -17.72 -23.23 -8.90
CA GLN C 140 -17.73 -21.81 -8.56
C GLN C 140 -16.30 -21.31 -8.45
N PHE C 141 -16.16 -20.00 -8.31
CA PHE C 141 -14.84 -19.38 -8.25
C PHE C 141 -14.79 -18.29 -7.19
N CYS C 142 -13.58 -17.78 -6.99
CA CYS C 142 -13.35 -16.68 -6.07
C CYS C 142 -12.54 -15.62 -6.77
N LEU C 143 -12.77 -14.37 -6.38
CA LEU C 143 -11.94 -13.28 -6.83
C LEU C 143 -10.82 -13.12 -5.79
N ILE C 144 -9.57 -13.22 -6.26
CA ILE C 144 -8.41 -13.22 -5.36
C ILE C 144 -7.64 -11.91 -5.44
N GLU C 145 -7.42 -11.30 -4.29
CA GLU C 145 -6.73 -10.03 -4.20
C GLU C 145 -5.58 -10.13 -3.20
N ALA C 146 -4.49 -9.44 -3.50
CA ALA C 146 -3.27 -9.53 -2.71
C ALA C 146 -3.07 -8.27 -1.87
N GLU C 147 -2.77 -8.49 -0.59
CA GLU C 147 -2.29 -7.44 0.31
C GLU C 147 -1.37 -6.42 -0.39
N GLN C 148 -0.41 -6.93 -1.17
CA GLN C 148 0.61 -6.07 -1.79
C GLN C 148 0.29 -5.65 -3.23
N LEU C 149 -0.89 -6.02 -3.76
CA LEU C 149 -1.33 -5.48 -5.05
C LEU C 149 -2.73 -4.87 -4.93
N PRO C 150 -2.79 -3.53 -4.86
CA PRO C 150 -3.96 -2.67 -4.79
C PRO C 150 -5.22 -3.03 -5.60
N GLY C 151 -5.15 -2.99 -6.92
CA GLY C 151 -6.34 -3.16 -7.76
C GLY C 151 -6.28 -4.34 -8.71
N VAL C 152 -5.60 -5.40 -8.28
CA VAL C 152 -5.39 -6.57 -9.12
C VAL C 152 -6.24 -7.74 -8.62
N VAL C 153 -7.55 -7.63 -8.82
CA VAL C 153 -8.48 -8.70 -8.54
C VAL C 153 -8.50 -9.63 -9.76
N ARG C 154 -8.27 -10.93 -9.53
CA ARG C 154 -8.29 -11.96 -10.58
C ARG C 154 -9.13 -13.17 -10.13
N ALA C 155 -9.73 -13.89 -11.09
CA ALA C 155 -10.66 -15.00 -10.78
C ALA C 155 -9.99 -16.38 -10.89
N TYR C 156 -10.32 -17.26 -9.94
CA TYR C 156 -9.78 -18.63 -9.92
C TYR C 156 -10.85 -19.62 -9.45
N SER C 157 -11.03 -20.71 -10.19
CA SER C 157 -12.04 -21.72 -9.85
C SER C 157 -11.56 -22.59 -8.71
N MET C 158 -12.49 -22.99 -7.84
CA MET C 158 -12.14 -23.93 -6.79
C MET C 158 -11.98 -25.31 -7.39
N ALA C 159 -10.79 -25.90 -7.19
CA ALA C 159 -10.52 -27.30 -7.54
C ALA C 159 -11.09 -28.18 -6.44
N ASN C 160 -11.17 -27.55 -5.29
CA ASN C 160 -11.60 -28.10 -4.02
C ASN C 160 -13.06 -28.56 -3.96
N SER C 161 -13.42 -29.13 -2.82
CA SER C 161 -14.80 -29.47 -2.50
C SER C 161 -15.20 -28.79 -1.19
N MET C 162 -16.47 -28.44 -1.06
CA MET C 162 -16.94 -27.74 0.15
C MET C 162 -16.60 -28.54 1.40
N ASN C 163 -16.17 -27.84 2.45
CA ASN C 163 -15.69 -28.48 3.69
C ASN C 163 -15.82 -27.56 4.90
N PRO C 164 -15.84 -28.12 6.11
CA PRO C 164 -15.98 -27.29 7.31
C PRO C 164 -14.67 -26.61 7.74
N ASP C 165 -13.54 -27.12 7.25
CA ASP C 165 -12.22 -26.67 7.67
C ASP C 165 -11.86 -25.27 7.18
N GLY C 166 -12.56 -24.80 6.16
CA GLY C 166 -12.28 -23.50 5.56
C GLY C 166 -11.18 -23.57 4.54
N PHE C 167 -11.04 -24.71 3.86
CA PHE C 167 -10.01 -24.87 2.85
C PHE C 167 -10.54 -24.47 1.46
N TRP C 168 -9.74 -23.69 0.73
CA TRP C 168 -10.06 -23.28 -0.64
C TRP C 168 -8.85 -23.57 -1.52
N GLU C 169 -9.00 -24.49 -2.48
CA GLU C 169 -7.90 -24.89 -3.37
C GLU C 169 -8.06 -24.28 -4.76
N PHE C 170 -6.93 -23.90 -5.36
CA PHE C 170 -6.91 -23.26 -6.68
C PHE C 170 -5.71 -23.76 -7.48
N TYR C 171 -5.86 -23.79 -8.80
CA TYR C 171 -4.75 -24.09 -9.69
C TYR C 171 -4.31 -22.83 -10.40
N ILE C 172 -3.00 -22.55 -10.35
CA ILE C 172 -2.44 -21.35 -10.95
C ILE C 172 -1.24 -21.70 -11.81
N LYS C 173 -0.85 -20.77 -12.67
CA LYS C 173 0.27 -20.98 -13.59
C LYS C 173 1.59 -20.87 -12.85
N ARG C 174 2.44 -21.89 -13.02
CA ARG C 174 3.75 -21.92 -12.38
C ARG C 174 4.57 -20.68 -12.74
N VAL C 175 4.58 -20.35 -14.04
CA VAL C 175 5.29 -19.16 -14.49
C VAL C 175 4.45 -17.91 -14.30
N PRO C 176 5.10 -16.74 -14.15
CA PRO C 176 4.40 -15.45 -13.90
C PRO C 176 3.42 -15.01 -15.00
N THR C 177 3.72 -15.34 -16.26
CA THR C 177 3.17 -14.64 -17.43
C THR C 177 1.65 -14.65 -17.64
N GLY C 178 1.15 -13.57 -18.25
CA GLY C 178 -0.25 -13.43 -18.70
C GLY C 178 -0.70 -11.98 -18.57
N ARG C 179 -0.92 -11.60 -17.32
CA ARG C 179 -1.19 -10.23 -16.89
C ARG C 179 -0.50 -10.23 -15.54
N PHE C 180 -0.75 -9.24 -14.68
CA PHE C 180 -0.17 -9.31 -13.34
C PHE C 180 -1.27 -9.79 -12.39
N SER C 181 -0.93 -10.78 -11.58
CA SER C 181 -1.89 -11.45 -10.72
C SER C 181 -1.44 -11.36 -9.26
N PRO C 182 -2.36 -11.65 -8.32
CA PRO C 182 -2.02 -11.67 -6.90
C PRO C 182 -0.92 -12.68 -6.54
N TRP C 183 -0.70 -13.69 -7.38
CA TRP C 183 0.30 -14.72 -7.10
C TRP C 183 1.69 -14.27 -7.54
N LEU C 184 2.16 -13.18 -6.92
CA LEU C 184 3.56 -12.83 -6.92
C LEU C 184 4.26 -13.96 -6.21
N PHE C 185 5.54 -14.15 -6.51
CA PHE C 185 6.29 -15.30 -5.99
C PHE C 185 6.49 -15.31 -4.47
N GLU C 186 6.04 -14.26 -3.79
CA GLU C 186 6.05 -14.21 -2.32
C GLU C 186 4.70 -14.60 -1.71
N ASN C 187 3.64 -14.62 -2.52
CA ASN C 187 2.34 -15.09 -2.06
C ASN C 187 2.10 -16.55 -2.38
N ARG C 188 3.08 -17.18 -3.01
CA ARG C 188 3.00 -18.60 -3.35
C ARG C 188 3.95 -19.34 -2.43
N LYS C 189 3.66 -19.22 -1.14
CA LYS C 189 4.43 -19.89 -0.10
C LYS C 189 3.58 -19.99 1.15
N VAL C 190 3.81 -21.04 1.92
CA VAL C 190 3.02 -21.29 3.12
C VAL C 190 3.17 -20.12 4.10
N GLY C 191 2.04 -19.65 4.63
CA GLY C 191 2.01 -18.51 5.55
C GLY C 191 1.43 -17.25 4.94
N ALA C 192 1.64 -17.05 3.64
CA ALA C 192 1.21 -15.83 2.94
C ALA C 192 -0.29 -15.57 3.07
N ARG C 193 -0.66 -14.32 3.36
CA ARG C 193 -2.06 -13.93 3.49
C ARG C 193 -2.59 -13.35 2.18
N LEU C 194 -3.78 -13.80 1.77
CA LEU C 194 -4.48 -13.26 0.59
C LEU C 194 -5.97 -13.05 0.91
N PHE C 195 -6.66 -12.32 0.04
CA PHE C 195 -8.09 -12.04 0.22
C PHE C 195 -8.93 -12.72 -0.85
N LEU C 196 -9.96 -13.45 -0.41
CA LEU C 196 -10.88 -14.14 -1.31
C LEU C 196 -12.25 -13.49 -1.23
N THR C 197 -12.86 -13.22 -2.38
CA THR C 197 -14.23 -12.75 -2.42
C THR C 197 -15.09 -13.76 -3.18
N GLY C 198 -16.08 -14.34 -2.49
CA GLY C 198 -16.98 -15.30 -3.11
C GLY C 198 -17.80 -16.14 -2.13
N PRO C 199 -18.29 -17.31 -2.57
CA PRO C 199 -18.06 -17.89 -3.89
C PRO C 199 -18.90 -17.24 -5.00
N MET C 200 -18.35 -17.21 -6.20
CA MET C 200 -18.97 -16.60 -7.36
C MET C 200 -19.17 -17.66 -8.41
N GLY C 201 -20.02 -17.39 -9.39
CA GLY C 201 -20.22 -18.30 -10.49
C GLY C 201 -21.66 -18.71 -10.67
N THR C 202 -22.06 -18.79 -11.93
CA THR C 202 -23.35 -19.29 -12.34
C THR C 202 -23.24 -20.73 -12.85
N SER C 203 -22.04 -21.13 -13.26
CA SER C 203 -21.84 -22.35 -14.04
C SER C 203 -21.53 -23.56 -13.18
N PHE C 204 -22.06 -23.59 -11.96
CA PHE C 204 -21.78 -24.67 -11.03
C PHE C 204 -22.56 -25.93 -11.42
N PHE C 205 -22.21 -27.04 -10.79
CA PHE C 205 -22.81 -28.32 -11.12
C PHE C 205 -24.33 -28.32 -10.90
N ARG C 206 -25.07 -28.79 -11.90
CA ARG C 206 -26.53 -28.94 -11.80
C ARG C 206 -26.87 -30.43 -11.65
N PRO C 207 -27.38 -30.83 -10.47
CA PRO C 207 -27.94 -32.17 -10.31
C PRO C 207 -29.39 -32.22 -10.78
N GLY C 208 -29.88 -33.41 -11.12
CA GLY C 208 -31.25 -33.59 -11.57
C GLY C 208 -31.50 -33.22 -13.02
N THR C 209 -30.43 -33.13 -13.81
CA THR C 209 -30.55 -32.97 -15.26
C THR C 209 -31.01 -34.26 -15.90
N GLY C 210 -30.56 -35.38 -15.32
CA GLY C 210 -30.82 -36.71 -15.85
C GLY C 210 -29.80 -37.15 -16.88
N ARG C 211 -28.78 -36.32 -17.12
CA ARG C 211 -27.81 -36.58 -18.17
C ARG C 211 -26.45 -36.97 -17.62
N LYS C 212 -25.68 -37.61 -18.50
CA LYS C 212 -24.27 -37.84 -18.27
C LYS C 212 -23.55 -36.51 -18.22
N SER C 213 -22.53 -36.42 -17.38
CA SER C 213 -21.72 -35.21 -17.28
C SER C 213 -20.46 -35.38 -18.11
N LEU C 214 -20.16 -34.37 -18.92
CA LEU C 214 -18.94 -34.31 -19.70
C LEU C 214 -18.19 -33.07 -19.24
N CYS C 215 -17.00 -33.27 -18.70
CA CYS C 215 -16.17 -32.18 -18.20
C CYS C 215 -14.95 -32.03 -19.10
N ILE C 216 -14.73 -30.81 -19.59
CA ILE C 216 -13.64 -30.54 -20.49
C ILE C 216 -12.81 -29.43 -19.84
N GLY C 217 -11.51 -29.65 -19.72
CA GLY C 217 -10.62 -28.67 -19.11
C GLY C 217 -9.39 -28.45 -19.96
N GLY C 218 -8.82 -27.26 -19.86
CA GLY C 218 -7.58 -26.93 -20.56
C GLY C 218 -6.77 -25.98 -19.70
N GLY C 219 -5.46 -26.17 -19.67
CA GLY C 219 -4.62 -25.41 -18.77
C GLY C 219 -5.10 -25.54 -17.33
N ALA C 220 -5.28 -24.41 -16.67
CA ALA C 220 -5.70 -24.38 -15.26
C ALA C 220 -7.19 -24.70 -15.10
N GLY C 221 -7.90 -24.76 -16.22
CA GLY C 221 -9.31 -25.15 -16.25
C GLY C 221 -9.58 -26.52 -15.67
N LEU C 222 -8.52 -27.31 -15.46
CA LEU C 222 -8.61 -28.58 -14.76
C LEU C 222 -9.32 -28.43 -13.42
N SER C 223 -9.08 -27.31 -12.75
CA SER C 223 -9.67 -27.04 -11.44
C SER C 223 -11.19 -27.13 -11.49
N TYR C 224 -11.80 -26.31 -12.35
CA TYR C 224 -13.25 -26.31 -12.59
C TYR C 224 -13.74 -27.68 -13.07
N ALA C 225 -13.05 -28.26 -14.05
CA ALA C 225 -13.46 -29.52 -14.66
C ALA C 225 -13.40 -30.73 -13.73
N ALA C 226 -12.41 -30.77 -12.84
CA ALA C 226 -12.26 -31.88 -11.90
C ALA C 226 -13.26 -31.79 -10.75
N ALA C 227 -13.48 -30.58 -10.25
CA ALA C 227 -14.40 -30.36 -9.13
C ALA C 227 -15.81 -30.81 -9.48
N ILE C 228 -16.21 -30.55 -10.72
CA ILE C 228 -17.51 -30.98 -11.24
C ILE C 228 -17.54 -32.46 -11.56
N ALA C 229 -16.46 -33.00 -12.09
CA ALA C 229 -16.36 -34.43 -12.33
C ALA C 229 -16.52 -35.19 -11.00
N ARG C 230 -15.87 -34.66 -9.96
CA ARG C 230 -15.98 -35.18 -8.60
C ARG C 230 -17.43 -35.18 -8.11
N ALA C 231 -18.14 -34.08 -8.38
CA ALA C 231 -19.52 -33.90 -7.94
C ALA C 231 -20.46 -34.86 -8.66
N SER C 232 -20.25 -35.06 -9.95
CA SER C 232 -21.07 -35.96 -10.76
C SER C 232 -20.98 -37.40 -10.23
N ILE C 233 -19.74 -37.89 -10.09
CA ILE C 233 -19.50 -39.21 -9.49
C ILE C 233 -20.21 -39.33 -8.16
N ARG C 234 -20.06 -38.28 -7.36
CA ARG C 234 -20.59 -38.22 -6.01
C ARG C 234 -22.13 -38.20 -5.98
N GLU C 235 -22.76 -37.85 -7.10
CA GLU C 235 -24.22 -37.69 -7.13
C GLU C 235 -24.93 -38.68 -8.06
N THR C 236 -24.70 -38.55 -9.36
CA THR C 236 -25.63 -39.10 -10.35
C THR C 236 -25.48 -40.61 -10.51
N ASP C 237 -24.29 -41.12 -10.19
CA ASP C 237 -23.99 -42.56 -10.31
C ASP C 237 -24.16 -43.10 -11.74
N LYS C 238 -24.48 -42.22 -12.70
CA LYS C 238 -24.53 -42.55 -14.11
C LYS C 238 -23.34 -41.89 -14.83
N PRO C 239 -22.93 -42.45 -16.00
CA PRO C 239 -21.64 -42.18 -16.64
C PRO C 239 -21.05 -40.77 -16.55
N VAL C 240 -19.77 -40.68 -16.20
CA VAL C 240 -19.06 -39.40 -16.13
C VAL C 240 -17.78 -39.47 -16.98
N LYS C 241 -17.53 -38.42 -17.76
CA LYS C 241 -16.32 -38.32 -18.57
C LYS C 241 -15.51 -37.05 -18.25
N LEU C 242 -14.19 -37.20 -18.23
CA LEU C 242 -13.28 -36.10 -17.96
C LEU C 242 -12.23 -36.02 -19.07
N PHE C 243 -12.30 -34.95 -19.86
CA PHE C 243 -11.34 -34.70 -20.91
C PHE C 243 -10.48 -33.55 -20.46
N TYR C 244 -9.17 -33.70 -20.58
CA TYR C 244 -8.23 -32.65 -20.22
C TYR C 244 -7.22 -32.49 -21.34
N GLY C 245 -6.91 -31.25 -21.69
CA GLY C 245 -5.94 -30.95 -22.73
C GLY C 245 -4.79 -30.11 -22.19
N SER C 246 -3.58 -30.45 -22.58
CA SER C 246 -2.39 -29.67 -22.22
C SER C 246 -1.50 -29.45 -23.45
N ARG C 247 -0.49 -28.60 -23.31
CA ARG C 247 0.41 -28.29 -24.43
C ARG C 247 1.35 -29.45 -24.78
N THR C 248 2.07 -29.98 -23.79
CA THR C 248 3.12 -30.98 -24.01
C THR C 248 3.00 -32.08 -22.93
N PRO C 249 3.64 -33.26 -23.13
CA PRO C 249 3.53 -34.33 -22.10
C PRO C 249 4.07 -33.96 -20.70
N ARG C 250 4.99 -33.00 -20.63
CA ARG C 250 5.46 -32.42 -19.37
C ARG C 250 4.33 -31.78 -18.55
N ASP C 251 3.30 -31.28 -19.25
CA ASP C 251 2.15 -30.64 -18.60
C ASP C 251 1.06 -31.65 -18.23
N ALA C 252 1.31 -32.94 -18.44
CA ALA C 252 0.32 -33.98 -18.16
C ALA C 252 0.17 -34.26 -16.67
N VAL C 253 -1.08 -34.30 -16.20
CA VAL C 253 -1.36 -34.61 -14.79
C VAL C 253 -1.45 -36.10 -14.51
N ARG C 254 -1.09 -36.47 -13.29
CA ARG C 254 -1.42 -37.77 -12.72
C ARG C 254 -2.73 -37.60 -11.95
N TRP C 255 -3.78 -38.30 -12.37
CA TRP C 255 -5.11 -38.15 -11.76
C TRP C 255 -5.12 -38.44 -10.25
N ILE C 256 -4.06 -39.10 -9.79
CA ILE C 256 -3.85 -39.44 -8.39
C ILE C 256 -3.72 -38.20 -7.51
N ASP C 257 -2.94 -37.23 -7.98
CA ASP C 257 -2.69 -36.00 -7.22
C ASP C 257 -3.74 -34.94 -7.52
N ILE C 258 -4.77 -35.34 -8.24
CA ILE C 258 -6.08 -34.69 -8.19
C ILE C 258 -6.92 -35.56 -7.27
N ASP C 259 -7.97 -34.97 -6.67
CA ASP C 259 -8.90 -35.75 -5.87
C ASP C 259 -9.92 -36.49 -6.76
N ILE C 260 -9.46 -37.18 -7.80
CA ILE C 260 -10.33 -38.08 -8.58
C ILE C 260 -9.61 -39.40 -8.86
N ASP C 261 -10.28 -40.53 -8.63
CA ASP C 261 -9.71 -41.81 -9.06
C ASP C 261 -10.36 -42.25 -10.38
N GLU C 262 -9.50 -42.79 -11.25
CA GLU C 262 -9.82 -42.99 -12.67
C GLU C 262 -10.72 -44.21 -12.89
N ASP C 263 -11.08 -44.90 -11.81
CA ASP C 263 -11.91 -46.09 -11.89
C ASP C 263 -13.40 -45.74 -11.91
N LYS C 264 -13.76 -44.54 -11.48
CA LYS C 264 -15.17 -44.15 -11.38
C LYS C 264 -15.65 -43.30 -12.55
N LEU C 265 -14.74 -42.98 -13.46
CA LEU C 265 -15.08 -42.27 -14.68
C LEU C 265 -14.11 -42.60 -15.80
N GLU C 266 -14.53 -42.33 -17.03
CA GLU C 266 -13.63 -42.37 -18.15
C GLU C 266 -12.81 -41.10 -18.12
N VAL C 267 -11.50 -41.28 -18.07
CA VAL C 267 -10.56 -40.19 -18.02
C VAL C 267 -9.77 -40.16 -19.33
N VAL C 268 -9.64 -38.97 -19.93
CA VAL C 268 -8.89 -38.82 -21.17
C VAL C 268 -8.02 -37.56 -21.13
N GLN C 269 -6.74 -37.73 -21.44
CA GLN C 269 -5.79 -36.62 -21.46
C GLN C 269 -5.12 -36.54 -22.83
N ALA C 270 -5.27 -35.38 -23.46
CA ALA C 270 -4.62 -35.12 -24.75
C ALA C 270 -3.47 -34.18 -24.55
N VAL C 271 -2.65 -34.08 -25.58
CA VAL C 271 -1.52 -33.18 -25.59
C VAL C 271 -1.47 -32.55 -26.98
N THR C 272 -1.36 -31.23 -27.02
CA THR C 272 -1.35 -30.48 -28.28
C THR C 272 -0.27 -31.03 -29.23
N GLU C 273 0.94 -31.24 -28.70
CA GLU C 273 2.03 -31.81 -29.48
C GLU C 273 2.95 -32.68 -28.61
N ASP C 274 3.17 -33.93 -29.02
CA ASP C 274 4.07 -34.83 -28.29
C ASP C 274 5.50 -34.75 -28.81
N THR C 275 6.18 -33.68 -28.42
CA THR C 275 7.53 -33.37 -28.90
C THR C 275 8.51 -34.54 -28.89
N ASP C 276 8.44 -35.39 -27.86
CA ASP C 276 9.40 -36.50 -27.68
C ASP C 276 8.93 -37.85 -28.25
N SER C 277 7.75 -37.88 -28.88
CA SER C 277 7.23 -39.07 -29.57
C SER C 277 6.70 -40.21 -28.69
N LEU C 278 7.01 -40.20 -27.40
CA LEU C 278 6.61 -41.28 -26.49
C LEU C 278 5.19 -41.11 -25.93
N TRP C 279 4.49 -40.03 -26.28
CA TRP C 279 3.14 -39.83 -25.77
C TRP C 279 2.20 -40.91 -26.30
N GLN C 280 1.49 -41.51 -25.36
CA GLN C 280 0.69 -42.70 -25.57
C GLN C 280 -0.72 -42.28 -25.97
N GLY C 281 -1.26 -41.29 -25.26
CA GLY C 281 -2.65 -40.86 -25.44
C GLY C 281 -2.95 -40.09 -26.70
N PRO C 282 -4.15 -39.52 -26.79
CA PRO C 282 -4.55 -38.69 -27.93
C PRO C 282 -3.68 -37.45 -28.10
N ILE C 283 -3.48 -37.04 -29.35
CA ILE C 283 -2.78 -35.80 -29.66
C ILE C 283 -3.74 -34.84 -30.37
N GLY C 284 -3.74 -33.58 -29.92
CA GLY C 284 -4.55 -32.55 -30.56
C GLY C 284 -5.17 -31.56 -29.60
N PHE C 285 -5.95 -30.65 -30.16
CA PHE C 285 -6.78 -29.72 -29.39
C PHE C 285 -7.90 -30.51 -28.73
N ILE C 286 -8.15 -30.22 -27.45
CA ILE C 286 -9.10 -30.98 -26.68
C ILE C 286 -10.47 -31.04 -27.38
N HIS C 287 -10.90 -29.95 -28.01
CA HIS C 287 -12.19 -29.92 -28.70
C HIS C 287 -12.26 -30.90 -29.87
N GLN C 288 -11.13 -31.12 -30.54
CA GLN C 288 -11.03 -32.11 -31.61
C GLN C 288 -10.99 -33.54 -31.08
N VAL C 289 -10.35 -33.72 -29.92
CA VAL C 289 -10.29 -35.01 -29.25
C VAL C 289 -11.70 -35.38 -28.77
N VAL C 290 -12.40 -34.41 -28.18
CA VAL C 290 -13.78 -34.60 -27.71
C VAL C 290 -14.72 -34.88 -28.89
N ASP C 291 -14.49 -34.20 -30.01
CA ASP C 291 -15.29 -34.43 -31.23
C ASP C 291 -15.12 -35.86 -31.73
N ALA C 292 -13.88 -36.23 -32.02
CA ALA C 292 -13.55 -37.58 -32.45
C ALA C 292 -14.02 -38.64 -31.45
N ALA C 293 -13.99 -38.30 -30.16
CA ALA C 293 -14.33 -39.24 -29.10
C ALA C 293 -15.82 -39.58 -29.02
N LEU C 294 -16.69 -38.56 -29.10
CA LEU C 294 -18.13 -38.75 -28.83
C LEU C 294 -19.06 -38.47 -30.03
N LEU C 295 -18.63 -37.62 -30.96
CA LEU C 295 -19.35 -37.36 -32.22
C LEU C 295 -20.84 -37.05 -32.06
N GLU C 296 -21.70 -38.03 -32.35
CA GLU C 296 -23.15 -37.82 -32.48
C GLU C 296 -23.88 -37.98 -31.14
N THR C 297 -23.18 -38.48 -30.13
CA THR C 297 -23.76 -38.62 -28.78
C THR C 297 -23.63 -37.35 -27.94
N LEU C 298 -22.94 -36.33 -28.47
CA LEU C 298 -22.71 -35.09 -27.71
C LEU C 298 -23.95 -34.42 -27.10
N PRO C 299 -25.09 -34.41 -27.82
CA PRO C 299 -26.31 -33.81 -27.23
C PRO C 299 -26.93 -34.55 -26.04
N GLU C 300 -26.47 -35.76 -25.73
CA GLU C 300 -26.98 -36.52 -24.56
C GLU C 300 -26.36 -35.99 -23.25
N TYR C 301 -25.35 -35.13 -23.36
CA TYR C 301 -24.52 -34.74 -22.22
C TYR C 301 -24.87 -33.37 -21.66
N GLU C 302 -24.78 -33.25 -20.34
CA GLU C 302 -24.65 -31.94 -19.72
C GLU C 302 -23.15 -31.66 -19.69
N ILE C 303 -22.73 -30.59 -20.35
CA ILE C 303 -21.33 -30.34 -20.62
C ILE C 303 -20.80 -29.17 -19.77
N TYR C 304 -19.65 -29.41 -19.15
CA TYR C 304 -18.99 -28.42 -18.30
C TYR C 304 -17.57 -28.19 -18.82
N LEU C 305 -17.20 -26.92 -19.04
CA LEU C 305 -15.86 -26.62 -19.50
C LEU C 305 -15.24 -25.37 -18.89
N ALA C 306 -13.91 -25.37 -18.81
CA ALA C 306 -13.14 -24.22 -18.41
C ALA C 306 -11.79 -24.31 -19.10
N GLY C 307 -11.11 -23.18 -19.17
CA GLY C 307 -9.82 -23.09 -19.85
C GLY C 307 -9.59 -21.69 -20.37
N PRO C 308 -8.48 -21.48 -21.08
CA PRO C 308 -8.26 -20.13 -21.57
C PRO C 308 -9.32 -19.76 -22.62
N PRO C 309 -9.66 -18.46 -22.73
CA PRO C 309 -10.73 -18.00 -23.62
C PRO C 309 -10.81 -18.65 -25.02
N PRO C 310 -9.70 -18.69 -25.77
CA PRO C 310 -9.79 -19.36 -27.08
C PRO C 310 -10.20 -20.83 -27.03
N MET C 311 -9.70 -21.56 -26.03
CA MET C 311 -10.04 -22.98 -25.88
C MET C 311 -11.53 -23.16 -25.61
N VAL C 312 -12.09 -22.29 -24.78
CA VAL C 312 -13.52 -22.36 -24.44
C VAL C 312 -14.32 -22.06 -25.70
N ASP C 313 -14.03 -20.91 -26.30
CA ASP C 313 -14.73 -20.47 -27.51
C ASP C 313 -14.71 -21.51 -28.64
N ALA C 314 -13.52 -22.02 -28.98
CA ALA C 314 -13.39 -23.08 -29.97
C ALA C 314 -14.26 -24.29 -29.62
N THR C 315 -14.30 -24.63 -28.34
CA THR C 315 -15.04 -25.82 -27.90
C THR C 315 -16.54 -25.59 -27.90
N VAL C 316 -16.98 -24.43 -27.43
CA VAL C 316 -18.42 -24.14 -27.37
C VAL C 316 -19.03 -24.06 -28.76
N ARG C 317 -18.30 -23.53 -29.74
CA ARG C 317 -18.81 -23.47 -31.12
C ARG C 317 -18.73 -24.82 -31.83
N MET C 318 -17.86 -25.71 -31.37
CA MET C 318 -17.89 -27.11 -31.83
C MET C 318 -19.13 -27.82 -31.27
N LEU C 319 -19.36 -27.65 -29.97
CA LEU C 319 -20.52 -28.26 -29.28
C LEU C 319 -21.83 -27.85 -29.94
N LEU C 320 -21.96 -26.55 -30.20
CA LEU C 320 -23.17 -25.97 -30.76
C LEU C 320 -23.40 -26.42 -32.20
N GLY C 321 -22.32 -26.74 -32.91
CA GLY C 321 -22.41 -27.25 -34.28
C GLY C 321 -22.79 -28.71 -34.35
N LYS C 322 -22.60 -29.42 -33.24
CA LYS C 322 -23.06 -30.80 -33.11
C LYS C 322 -24.52 -30.85 -32.66
N GLY C 323 -25.08 -29.68 -32.36
CA GLY C 323 -26.45 -29.58 -31.90
C GLY C 323 -26.65 -29.86 -30.43
N VAL C 324 -25.59 -29.71 -29.63
CA VAL C 324 -25.74 -29.73 -28.19
C VAL C 324 -26.48 -28.44 -27.84
N PRO C 325 -27.70 -28.55 -27.27
CA PRO C 325 -28.42 -27.33 -26.93
C PRO C 325 -27.60 -26.42 -26.02
N ARG C 326 -27.64 -25.13 -26.30
CA ARG C 326 -26.82 -24.16 -25.58
C ARG C 326 -27.05 -24.18 -24.06
N ASP C 327 -28.28 -24.51 -23.66
CA ASP C 327 -28.66 -24.59 -22.25
C ASP C 327 -28.14 -25.84 -21.50
N GLN C 328 -27.40 -26.70 -22.20
CA GLN C 328 -26.72 -27.83 -21.57
C GLN C 328 -25.20 -27.60 -21.50
N ILE C 329 -24.75 -26.41 -21.91
CA ILE C 329 -23.34 -26.04 -21.93
C ILE C 329 -23.06 -25.00 -20.84
N HIS C 330 -22.22 -25.39 -19.89
CA HIS C 330 -21.82 -24.50 -18.80
C HIS C 330 -20.32 -24.30 -18.85
N PHE C 331 -19.88 -23.06 -18.72
CA PHE C 331 -18.46 -22.74 -18.71
C PHE C 331 -18.09 -21.53 -17.86
N ASP C 332 -16.80 -21.43 -17.56
CA ASP C 332 -16.21 -20.21 -17.04
C ASP C 332 -14.88 -19.99 -17.77
N ALA C 333 -14.72 -18.82 -18.36
CA ALA C 333 -13.46 -18.43 -18.99
C ALA C 333 -13.05 -17.09 -18.41
N PHE C 334 -11.83 -17.01 -17.87
CA PHE C 334 -11.39 -15.82 -17.14
C PHE C 334 -10.36 -14.98 -17.91
N PHE C 335 -10.36 -13.67 -17.65
CA PHE C 335 -9.51 -12.70 -18.37
C PHE C 335 -8.65 -11.89 -17.40
FE1 FES D . -8.16 -0.10 23.26
FE2 FES D . -6.68 -1.63 25.24
S1 FES D . -6.89 0.55 24.98
S2 FES D . -8.27 -2.25 23.79
I IOD E . -23.18 13.81 21.69
CL CL F . -13.28 -2.45 17.18
CL CL G . -3.24 5.74 15.19
CL CL H . -1.59 13.17 16.86
CL CL I . 7.76 -13.78 29.49
CL CL J . 15.47 8.84 33.95
CL CL K . 9.01 -6.92 16.58
CL CL L . 6.90 -8.96 24.70
NI NI M . -11.25 8.98 0.62
FE1 FES N . 5.89 24.67 -5.78
FE2 FES N . 8.71 25.39 -6.24
S1 FES N . 6.97 25.14 -7.63
S2 FES N . 7.50 25.29 -4.39
I IOD O . 25.86 20.62 -3.83
CL CL P . 2.30 23.29 1.62
CL CL Q . 1.07 15.13 -8.90
CL CL R . -2.76 15.43 -16.03
CL CL S . -13.17 32.55 -6.46
CL CL T . 21.21 16.15 -8.62
CL CL U . 26.73 13.43 -8.22
FE1 FES V . -17.84 -8.12 -16.22
FE2 FES V . -17.36 -10.54 -17.70
S1 FES V . -18.62 -10.17 -15.92
S2 FES V . -16.79 -8.44 -18.13
I IOD W . -13.74 -39.25 -7.47
CL CL X . -15.22 -0.15 -17.37
CL CL Y . -13.88 -6.45 -5.98
CL CL Z . -1.69 -16.94 -12.22
CL CL AA . -6.08 -21.14 -17.89
CL CL BA . -5.27 -23.14 -25.96
C ACT CA . -6.63 5.31 0.22
O ACT CA . -6.33 5.73 -0.95
OXT ACT CA . -6.26 5.89 1.32
CH3 ACT CA . -7.46 4.03 0.27
#